data_8BDX
#
_entry.id   8BDX
#
_cell.length_a   82.341
_cell.length_b   82.341
_cell.length_c   168.960
_cell.angle_alpha   90.000
_cell.angle_beta   90.000
_cell.angle_gamma   120.000
#
_symmetry.space_group_name_H-M   'P 32'
#
loop_
_entity.id
_entity.type
_entity.pdbx_description
1 polymer 'Bromodomain-containing protein 4'
2 polymer Elongin-B
3 polymer Elongin-C
4 polymer 'von Hippel-Lindau disease tumor suppressor'
5 non-polymer (2S,4R)-N-[(1S)-1-(4-chlorophenyl)-3-[2-[2-[2-[2-[2-[(9S)-7-(4-chlorophenyl)-4,5,13-trimethyl-3-thia-1,8$l^{5},11,12-tetrazatricyclo[8.3.0.0^{2,6}]trideca-2(6),4,7,10,12-pentaen-9-yl]ethanoylamino]ethoxy]ethoxy]ethoxy]ethylamino]-3-oxidanylidene-propyl]-1-[(2R)-3-methyl-2-(3-methyl-1,2-oxazol-5-yl)butanoyl]-4-oxidanyl-pyrrolidine-2-carboxamide
6 water water
#
loop_
_entity_poly.entity_id
_entity_poly.type
_entity_poly.pdbx_seq_one_letter_code
_entity_poly.pdbx_strand_id
1 'polypeptide(L)'
;GKDVPDSQQHPAPEKSSKVSEQLKCCSGILKEMFAKKHAAYAWPFYKPVDVEALGLHDYCDIIKHPMDMSTIKSKLEARE
YRDAQEFGADVRLMFSNCYKYNPPDHEVVAMARKLQDVFEMRFAKMPDE
;
A,E
2 'polypeptide(L)'
;MDVFLMIRRHKTTIFTDAKESSTVFELKRIVEGILKRPPDEQRLYKDDQLLDDGKTLGECGFTSQTARPQAPATVGLAFR
ADDTFEALCIEPFSSPPELPDVMK
;
B,F
3 'polypeptide(L)'
;MMYVKLISSDGHEFIVKREHALTSGTIKAMLSGPGQFAENETNEVNFREIPSHVLSKVCMYFTYKVRYTNSSTEIPEFPI
APEIALELLMAANFLDC
;
C,G
4 'polypeptide(L)'
;GSMEAGRPRPVLRSVNSREPSQVIFCNRSPRVVLPVWLNFDGEPQPYPTLPPGTGRRIHSYRGHLWLFRDAGTHDGLLVN
QTELFVPSLNVDGQPIFANITLPVYTLKERCLQVVRSLVKPENYRRLDIVRSLYEDLEDHPNVQKDLERLTQERIAHQRM
GD
;
D,H
#
loop_
_chem_comp.id
_chem_comp.type
_chem_comp.name
_chem_comp.formula
QIY non-polymer (2S,4R)-N-[(1S)-1-(4-chlorophenyl)-3-[2-[2-[2-[2-[2-[(9S)-7-(4-chlorophenyl)-4,5,13-trimethyl-3-thia-1,8$l^{5},11,12-tetrazatricyclo[8.3.0.0^{2,6}]trideca-2(6),4,7,10,12-pentaen-9-yl]ethanoylamino]ethoxy]ethoxy]ethoxy]ethylamino]-3-oxidanylidene-propyl]-1-[(2R)-3-methyl-2-(3-methyl-1,2-oxazol-5-yl)butanoyl]-4-oxidanyl-pyrrolidine-2-carboxamide 'C50 H63 Cl2 N9 O9 S'
#
# COMPACT_ATOMS: atom_id res chain seq x y z
N SER A 20 -9.31 -41.84 -27.39
CA SER A 20 -10.58 -41.42 -26.71
C SER A 20 -10.70 -42.10 -25.35
N GLU A 21 -10.62 -43.44 -25.34
CA GLU A 21 -10.49 -44.19 -24.09
C GLU A 21 -9.07 -43.97 -23.55
N GLN A 22 -8.17 -43.59 -24.46
CA GLN A 22 -6.79 -43.25 -24.13
C GLN A 22 -6.70 -41.91 -23.42
N LEU A 23 -7.41 -40.90 -23.93
CA LEU A 23 -7.39 -39.57 -23.34
C LEU A 23 -8.03 -39.56 -21.94
N LYS A 24 -8.78 -40.63 -21.59
CA LYS A 24 -9.30 -40.80 -20.24
C LYS A 24 -8.24 -41.48 -19.36
N CYS A 25 -7.33 -42.25 -19.98
CA CYS A 25 -6.11 -42.71 -19.32
C CYS A 25 -5.10 -41.57 -19.17
N CYS A 26 -4.88 -40.79 -20.25
CA CYS A 26 -4.06 -39.59 -20.23
C CYS A 26 -4.38 -38.69 -19.04
N SER A 27 -5.69 -38.52 -18.82
CA SER A 27 -6.20 -37.79 -17.66
C SER A 27 -5.83 -38.49 -16.35
N GLY A 28 -5.84 -39.84 -16.38
CA GLY A 28 -5.41 -40.64 -15.25
C GLY A 28 -3.96 -40.34 -14.86
N ILE A 29 -3.11 -40.17 -15.88
CA ILE A 29 -1.68 -39.96 -15.70
C ILE A 29 -1.44 -38.59 -15.07
N LEU A 30 -2.12 -37.57 -15.59
CA LEU A 30 -1.98 -36.21 -15.08
C LEU A 30 -2.49 -36.13 -13.65
N LYS A 31 -3.62 -36.81 -13.39
CA LYS A 31 -4.14 -37.00 -12.05
C LYS A 31 -3.02 -37.52 -11.15
N GLU A 32 -2.42 -38.64 -11.57
CA GLU A 32 -1.34 -39.27 -10.84
C GLU A 32 -0.28 -38.25 -10.46
N MET A 33 0.10 -37.40 -11.42
CA MET A 33 1.28 -36.56 -11.29
C MET A 33 1.05 -35.47 -10.26
N PHE A 34 -0.21 -35.00 -10.20
CA PHE A 34 -0.67 -34.03 -9.22
C PHE A 34 -0.77 -34.61 -7.81
N ALA A 35 -0.92 -35.95 -7.67
CA ALA A 35 -1.10 -36.60 -6.38
C ALA A 35 -0.07 -36.14 -5.34
N LYS A 36 -0.45 -36.36 -4.08
CA LYS A 36 0.22 -35.81 -2.90
C LYS A 36 1.58 -36.48 -2.72
N LYS A 37 1.69 -37.76 -3.11
CA LYS A 37 2.93 -38.51 -2.91
C LYS A 37 4.05 -37.91 -3.76
N HIS A 38 3.69 -37.48 -4.99
CA HIS A 38 4.65 -36.95 -5.93
C HIS A 38 5.09 -35.54 -5.57
N ALA A 39 4.30 -34.83 -4.73
CA ALA A 39 4.39 -33.39 -4.56
C ALA A 39 5.77 -32.87 -4.16
N ALA A 40 6.61 -33.69 -3.48
CA ALA A 40 7.90 -33.18 -3.01
C ALA A 40 8.83 -32.84 -4.18
N TYR A 41 8.58 -33.47 -5.34
CA TYR A 41 9.33 -33.19 -6.56
C TYR A 41 8.45 -32.64 -7.68
N ALA A 42 7.14 -32.81 -7.61
CA ALA A 42 6.24 -32.47 -8.70
C ALA A 42 5.90 -30.97 -8.70
N TRP A 43 6.23 -30.28 -7.59
CA TRP A 43 5.57 -29.01 -7.29
C TRP A 43 6.06 -27.86 -8.18
N PRO A 44 7.32 -27.85 -8.69
CA PRO A 44 7.75 -26.78 -9.60
C PRO A 44 6.98 -26.73 -10.91
N PHE A 45 6.22 -27.79 -11.23
CA PHE A 45 5.67 -27.94 -12.57
C PHE A 45 4.16 -27.73 -12.55
N TYR A 46 3.58 -27.62 -11.34
CA TYR A 46 2.13 -27.61 -11.21
C TYR A 46 1.49 -26.43 -11.97
N LYS A 47 2.12 -25.23 -11.90
CA LYS A 47 1.55 -24.03 -12.51
C LYS A 47 2.60 -23.40 -13.45
N PRO A 48 2.19 -22.52 -14.39
CA PRO A 48 3.14 -21.84 -15.28
C PRO A 48 4.28 -21.15 -14.57
N VAL A 49 5.43 -21.15 -15.23
CA VAL A 49 6.63 -20.54 -14.67
C VAL A 49 6.39 -19.04 -14.54
N ASP A 50 6.53 -18.51 -13.32
CA ASP A 50 6.31 -17.10 -13.06
C ASP A 50 7.69 -16.45 -13.18
N VAL A 51 7.93 -15.85 -14.33
CA VAL A 51 9.26 -15.38 -14.68
C VAL A 51 9.67 -14.27 -13.69
N GLU A 52 8.70 -13.41 -13.30
CA GLU A 52 8.95 -12.31 -12.36
C GLU A 52 9.27 -12.80 -10.96
N ALA A 53 8.44 -13.75 -10.48
CA ALA A 53 8.59 -14.34 -9.17
C ALA A 53 9.94 -15.02 -9.03
N LEU A 54 10.45 -15.64 -10.10
CA LEU A 54 11.68 -16.40 -10.07
C LEU A 54 12.86 -15.52 -10.47
N GLY A 55 12.57 -14.34 -11.05
CA GLY A 55 13.57 -13.36 -11.38
C GLY A 55 14.39 -13.77 -12.60
N LEU A 56 13.70 -14.29 -13.63
CA LEU A 56 14.33 -14.86 -14.81
C LEU A 56 14.06 -13.96 -16.03
N HIS A 57 15.09 -13.22 -16.46
CA HIS A 57 14.91 -12.23 -17.50
C HIS A 57 14.96 -12.86 -18.89
N ASP A 58 15.48 -14.09 -18.97
CA ASP A 58 15.80 -14.70 -20.26
C ASP A 58 14.91 -15.90 -20.56
N TYR A 59 14.08 -16.35 -19.60
CA TYR A 59 13.44 -17.66 -19.70
C TYR A 59 12.65 -17.77 -21.00
N CYS A 60 11.78 -16.76 -21.25
CA CYS A 60 10.87 -16.75 -22.40
C CYS A 60 11.63 -16.61 -23.73
N ASP A 61 12.89 -16.16 -23.69
CA ASP A 61 13.73 -16.08 -24.88
C ASP A 61 14.29 -17.46 -25.20
N ILE A 62 14.85 -18.12 -24.18
CA ILE A 62 15.41 -19.46 -24.29
C ILE A 62 14.32 -20.50 -24.53
N ILE A 63 13.18 -20.41 -23.80
CA ILE A 63 12.13 -21.41 -23.93
C ILE A 63 11.02 -20.86 -24.83
N LYS A 64 10.95 -21.40 -26.06
CA LYS A 64 10.09 -20.81 -27.07
C LYS A 64 8.63 -21.16 -26.78
N HIS A 65 8.34 -22.35 -26.22
CA HIS A 65 6.96 -22.75 -25.93
C HIS A 65 6.85 -23.40 -24.54
N PRO A 66 6.61 -22.62 -23.45
CA PRO A 66 6.53 -23.20 -22.09
C PRO A 66 5.35 -24.16 -21.91
N MET A 67 5.36 -24.95 -20.82
CA MET A 67 4.24 -25.83 -20.51
C MET A 67 4.26 -26.24 -19.03
N ASP A 68 3.08 -26.45 -18.41
CA ASP A 68 3.05 -26.32 -16.96
C ASP A 68 1.99 -27.14 -16.27
N MET A 69 1.61 -28.27 -16.83
CA MET A 69 0.86 -29.27 -16.05
C MET A 69 -0.56 -28.75 -15.81
N SER A 70 -0.70 -27.51 -15.33
CA SER A 70 -1.99 -26.84 -15.24
C SER A 70 -2.51 -26.47 -16.63
N THR A 71 -1.64 -25.94 -17.50
CA THR A 71 -1.99 -25.74 -18.90
C THR A 71 -2.34 -27.07 -19.58
N ILE A 72 -1.69 -28.15 -19.19
CA ILE A 72 -2.00 -29.44 -19.80
C ILE A 72 -3.37 -29.92 -19.31
N LYS A 73 -3.66 -29.78 -17.99
CA LYS A 73 -4.98 -30.05 -17.46
C LYS A 73 -6.01 -29.23 -18.24
N SER A 74 -5.73 -27.93 -18.45
CA SER A 74 -6.54 -27.03 -19.25
C SER A 74 -6.80 -27.58 -20.65
N LYS A 75 -5.73 -27.95 -21.38
CA LYS A 75 -5.86 -28.39 -22.76
C LYS A 75 -6.60 -29.73 -22.83
N LEU A 76 -6.53 -30.51 -21.75
CA LEU A 76 -7.15 -31.82 -21.70
C LEU A 76 -8.66 -31.68 -21.57
N GLU A 77 -9.13 -30.88 -20.59
CA GLU A 77 -10.56 -30.76 -20.29
C GLU A 77 -11.30 -30.10 -21.45
N ALA A 78 -10.60 -29.34 -22.33
CA ALA A 78 -11.17 -28.76 -23.54
C ALA A 78 -11.02 -29.68 -24.75
N ARG A 79 -10.76 -30.98 -24.52
CA ARG A 79 -10.64 -31.97 -25.56
C ARG A 79 -9.77 -31.45 -26.71
N GLU A 80 -8.63 -30.81 -26.38
CA GLU A 80 -7.83 -30.08 -27.35
C GLU A 80 -6.69 -30.93 -27.93
N TYR A 81 -6.45 -32.11 -27.36
CA TYR A 81 -5.42 -33.04 -27.84
C TYR A 81 -6.08 -34.09 -28.75
N ARG A 82 -5.66 -34.13 -30.02
CA ARG A 82 -6.23 -35.05 -31.00
C ARG A 82 -6.10 -36.50 -30.55
N ASP A 83 -5.09 -36.82 -29.73
CA ASP A 83 -4.80 -38.19 -29.30
C ASP A 83 -3.81 -38.16 -28.14
N ALA A 84 -3.42 -39.35 -27.66
CA ALA A 84 -2.54 -39.46 -26.50
C ALA A 84 -1.09 -39.13 -26.87
N GLN A 85 -0.73 -39.28 -28.15
CA GLN A 85 0.61 -38.93 -28.61
C GLN A 85 0.84 -37.43 -28.37
N GLU A 86 -0.16 -36.60 -28.67
CA GLU A 86 -0.03 -35.15 -28.60
C GLU A 86 0.04 -34.68 -27.15
N PHE A 87 -0.66 -35.40 -26.27
CA PHE A 87 -0.60 -35.15 -24.83
C PHE A 87 0.79 -35.42 -24.28
N GLY A 88 1.34 -36.57 -24.66
CA GLY A 88 2.68 -36.96 -24.25
C GLY A 88 3.70 -35.90 -24.65
N ALA A 89 3.46 -35.28 -25.81
CA ALA A 89 4.41 -34.36 -26.39
C ALA A 89 4.55 -33.10 -25.50
N ASP A 90 3.41 -32.61 -24.98
CA ASP A 90 3.42 -31.44 -24.10
C ASP A 90 4.07 -31.77 -22.75
N VAL A 91 3.77 -32.94 -22.20
CA VAL A 91 4.35 -33.37 -20.94
C VAL A 91 5.88 -33.40 -21.09
N ARG A 92 6.36 -33.97 -22.20
CA ARG A 92 7.79 -34.06 -22.45
C ARG A 92 8.38 -32.68 -22.74
N LEU A 93 7.60 -31.82 -23.39
CA LEU A 93 7.98 -30.43 -23.65
C LEU A 93 8.24 -29.69 -22.34
N MET A 94 7.28 -29.83 -21.41
CA MET A 94 7.36 -29.23 -20.09
C MET A 94 8.67 -29.63 -19.42
N PHE A 95 9.01 -30.93 -19.47
CA PHE A 95 10.23 -31.42 -18.86
C PHE A 95 11.45 -30.96 -19.65
N SER A 96 11.38 -31.10 -20.99
CA SER A 96 12.43 -30.69 -21.90
C SER A 96 12.83 -29.23 -21.64
N ASN A 97 11.81 -28.36 -21.49
CA ASN A 97 12.04 -26.95 -21.25
C ASN A 97 12.89 -26.81 -19.98
N CYS A 98 12.60 -27.64 -18.98
CA CYS A 98 13.29 -27.58 -17.71
C CYS A 98 14.76 -27.94 -17.94
N TYR A 99 14.97 -28.99 -18.76
CA TYR A 99 16.28 -29.57 -19.00
C TYR A 99 17.12 -28.59 -19.80
N LYS A 100 16.49 -27.92 -20.79
CA LYS A 100 17.15 -26.95 -21.66
C LYS A 100 17.59 -25.75 -20.85
N TYR A 101 16.69 -25.20 -20.03
CA TYR A 101 16.96 -23.94 -19.35
C TYR A 101 18.03 -24.12 -18.28
N ASN A 102 18.13 -25.30 -17.66
CA ASN A 102 18.93 -25.43 -16.45
C ASN A 102 20.19 -26.26 -16.69
N PRO A 103 21.25 -26.03 -15.87
CA PRO A 103 22.44 -26.89 -15.92
C PRO A 103 22.08 -28.29 -15.41
N PRO A 104 22.79 -29.35 -15.87
CA PRO A 104 22.45 -30.72 -15.47
C PRO A 104 22.48 -31.01 -13.96
N ASP A 105 23.35 -30.31 -13.23
CA ASP A 105 23.51 -30.53 -11.79
C ASP A 105 22.43 -29.80 -10.98
N HIS A 106 21.50 -29.08 -11.63
CA HIS A 106 20.56 -28.24 -10.92
C HIS A 106 19.52 -29.13 -10.24
N GLU A 107 19.03 -28.63 -9.10
CA GLU A 107 18.14 -29.37 -8.21
C GLU A 107 16.80 -29.66 -8.89
N VAL A 108 16.23 -28.64 -9.57
CA VAL A 108 14.92 -28.73 -10.24
C VAL A 108 14.97 -29.72 -11.40
N VAL A 109 16.16 -29.90 -11.98
CA VAL A 109 16.41 -30.93 -12.98
C VAL A 109 16.23 -32.33 -12.35
N ALA A 110 16.81 -32.54 -11.16
CA ALA A 110 16.64 -33.78 -10.42
C ALA A 110 15.17 -34.10 -10.21
N MET A 111 14.41 -33.06 -9.86
CA MET A 111 13.00 -33.18 -9.53
C MET A 111 12.18 -33.46 -10.79
N ALA A 112 12.51 -32.75 -11.88
CA ALA A 112 11.86 -32.96 -13.17
C ALA A 112 12.00 -34.43 -13.58
N ARG A 113 13.22 -34.96 -13.40
CA ARG A 113 13.53 -36.32 -13.81
C ARG A 113 12.63 -37.28 -13.05
N LYS A 114 12.60 -37.16 -11.71
CA LYS A 114 11.75 -37.98 -10.86
C LYS A 114 10.29 -37.90 -11.29
N LEU A 115 9.80 -36.70 -11.64
CA LEU A 115 8.42 -36.64 -12.06
C LEU A 115 8.30 -37.31 -13.43
N GLN A 116 9.31 -37.17 -14.31
CA GLN A 116 9.24 -37.78 -15.63
C GLN A 116 9.25 -39.30 -15.47
N ASP A 117 9.89 -39.81 -14.41
CA ASP A 117 9.97 -41.25 -14.16
C ASP A 117 8.55 -41.79 -14.03
N VAL A 118 7.74 -41.09 -13.22
CA VAL A 118 6.34 -41.38 -13.01
C VAL A 118 5.59 -41.38 -14.35
N PHE A 119 5.71 -40.28 -15.10
CA PHE A 119 4.99 -40.11 -16.36
C PHE A 119 5.32 -41.23 -17.35
N GLU A 120 6.62 -41.48 -17.55
CA GLU A 120 7.09 -42.40 -18.57
C GLU A 120 6.58 -43.81 -18.30
N MET A 121 6.57 -44.20 -17.02
CA MET A 121 6.17 -45.52 -16.58
C MET A 121 4.68 -45.73 -16.88
N ARG A 122 3.86 -44.72 -16.55
CA ARG A 122 2.41 -44.82 -16.72
C ARG A 122 2.07 -44.64 -18.20
N PHE A 123 2.79 -43.77 -18.90
CA PHE A 123 2.57 -43.52 -20.31
C PHE A 123 2.91 -44.76 -21.13
N ALA A 124 3.88 -45.54 -20.63
CA ALA A 124 4.36 -46.74 -21.31
C ALA A 124 3.31 -47.83 -21.28
N LYS A 125 2.50 -47.87 -20.20
CA LYS A 125 1.61 -49.00 -19.95
C LYS A 125 0.20 -48.72 -20.44
N MET A 126 -0.02 -47.63 -21.20
CA MET A 126 -1.35 -47.38 -21.77
C MET A 126 -1.58 -48.42 -22.87
N PRO A 127 -2.83 -48.92 -23.09
CA PRO A 127 -3.08 -49.94 -24.12
C PRO A 127 -3.23 -49.34 -25.52
N ASP A 128 -2.97 -50.19 -26.53
CA ASP A 128 -3.27 -49.91 -27.93
C ASP A 128 -2.86 -51.12 -28.77
N MET B 1 -9.16 13.49 4.46
CA MET B 1 -8.42 13.35 5.76
C MET B 1 -8.56 14.65 6.54
N ASP B 2 -7.59 14.91 7.41
CA ASP B 2 -7.55 16.10 8.24
C ASP B 2 -6.49 17.06 7.71
N VAL B 3 -6.65 18.35 8.04
CA VAL B 3 -5.61 19.33 7.81
C VAL B 3 -4.92 19.65 9.12
N PHE B 4 -3.61 19.89 9.04
CA PHE B 4 -2.77 20.15 10.21
C PHE B 4 -2.21 21.55 10.07
N LEU B 5 -2.29 22.32 11.17
CA LEU B 5 -2.15 23.76 11.06
C LEU B 5 -1.26 24.33 12.14
N MET B 6 -0.66 25.48 11.81
CA MET B 6 -0.11 26.44 12.74
C MET B 6 -0.95 27.71 12.65
N ILE B 7 -1.54 28.12 13.77
CA ILE B 7 -2.26 29.38 13.83
C ILE B 7 -1.38 30.38 14.59
N ARG B 8 -0.98 31.44 13.89
CA ARG B 8 0.10 32.29 14.35
C ARG B 8 -0.39 33.73 14.55
N ARG B 9 -0.14 34.29 15.75
CA ARG B 9 -0.32 35.71 16.05
C ARG B 9 0.88 36.21 16.86
N HIS B 10 1.36 37.42 16.54
CA HIS B 10 2.59 37.97 17.10
C HIS B 10 3.59 36.81 17.30
N LYS B 11 3.95 36.52 18.56
CA LYS B 11 4.98 35.53 18.85
C LYS B 11 4.34 34.24 19.41
N THR B 12 3.00 34.13 19.37
CA THR B 12 2.33 32.88 19.75
C THR B 12 2.01 32.08 18.47
N THR B 13 2.01 30.74 18.61
CA THR B 13 1.90 29.79 17.49
C THR B 13 1.24 28.50 17.97
N ILE B 14 0.06 28.17 17.41
CA ILE B 14 -0.74 27.08 17.94
C ILE B 14 -0.74 25.91 16.95
N PHE B 15 -0.42 24.74 17.48
CA PHE B 15 -0.44 23.53 16.68
C PHE B 15 -1.75 22.81 16.96
N THR B 16 -2.57 22.68 15.91
CA THR B 16 -3.86 22.04 16.01
C THR B 16 -4.25 21.46 14.65
N ASP B 17 -5.00 20.35 14.72
CA ASP B 17 -5.51 19.71 13.51
C ASP B 17 -6.99 19.99 13.41
N ALA B 18 -7.57 19.68 12.24
CA ALA B 18 -8.98 19.91 11.98
C ALA B 18 -9.36 19.11 10.72
N LYS B 19 -10.66 19.06 10.44
CA LYS B 19 -11.19 18.36 9.29
C LYS B 19 -11.23 19.32 8.10
N GLU B 20 -11.22 18.76 6.89
CA GLU B 20 -11.22 19.56 5.66
C GLU B 20 -12.60 20.19 5.49
N SER B 21 -13.61 19.43 5.94
CA SER B 21 -15.03 19.77 5.86
C SER B 21 -15.47 20.72 6.97
N SER B 22 -14.81 20.64 8.14
CA SER B 22 -14.95 21.57 9.27
C SER B 22 -14.69 23.02 8.82
N THR B 23 -15.32 23.99 9.50
CA THR B 23 -15.41 25.35 8.96
C THR B 23 -14.41 26.30 9.65
N VAL B 24 -14.44 27.58 9.24
CA VAL B 24 -13.59 28.62 9.79
C VAL B 24 -14.10 29.04 11.17
N PHE B 25 -15.43 29.21 11.32
CA PHE B 25 -16.01 29.53 12.61
C PHE B 25 -15.62 28.46 13.63
N GLU B 26 -15.75 27.18 13.23
CA GLU B 26 -15.47 26.05 14.12
C GLU B 26 -14.00 26.10 14.55
N LEU B 27 -13.16 26.64 13.65
CA LEU B 27 -11.74 26.82 13.92
C LEU B 27 -11.50 27.98 14.90
N LYS B 28 -12.23 29.09 14.72
CA LYS B 28 -12.21 30.17 15.68
C LYS B 28 -12.66 29.66 17.06
N ARG B 29 -13.57 28.67 17.08
CA ARG B 29 -14.10 28.11 18.33
C ARG B 29 -13.04 27.23 19.01
N ILE B 30 -12.04 26.76 18.25
CA ILE B 30 -10.90 26.08 18.85
C ILE B 30 -10.02 27.12 19.57
N VAL B 31 -9.76 28.25 18.88
CA VAL B 31 -8.83 29.29 19.34
C VAL B 31 -9.36 29.94 20.62
N GLU B 32 -10.69 30.11 20.65
CA GLU B 32 -11.42 30.51 21.84
C GLU B 32 -11.02 29.57 22.98
N GLY B 33 -11.29 28.27 22.81
CA GLY B 33 -10.80 27.25 23.72
C GLY B 33 -9.44 27.61 24.30
N ILE B 34 -8.44 27.80 23.43
CA ILE B 34 -7.05 27.93 23.87
C ILE B 34 -6.81 29.32 24.49
N LEU B 35 -7.06 30.38 23.71
CA LEU B 35 -6.61 31.72 24.06
C LEU B 35 -7.70 32.50 24.81
N LYS B 36 -8.93 31.95 24.86
CA LYS B 36 -10.06 32.53 25.59
C LYS B 36 -10.39 33.89 24.96
N ARG B 37 -10.80 33.87 23.69
CA ARG B 37 -11.35 35.03 23.00
C ARG B 37 -12.55 34.59 22.18
N PRO B 38 -13.66 35.36 22.13
CA PRO B 38 -14.82 34.99 21.32
C PRO B 38 -14.48 34.98 19.83
N PRO B 39 -15.08 34.07 19.02
CA PRO B 39 -14.95 34.13 17.56
C PRO B 39 -15.26 35.48 16.92
N ASP B 40 -16.12 36.28 17.59
CA ASP B 40 -16.39 37.67 17.23
C ASP B 40 -15.10 38.51 17.18
N GLU B 41 -14.18 38.30 18.14
CA GLU B 41 -13.00 39.14 18.28
C GLU B 41 -11.78 38.54 17.59
N GLN B 42 -12.01 37.64 16.61
CA GLN B 42 -10.97 36.93 15.88
C GLN B 42 -11.15 37.10 14.38
N ARG B 43 -10.05 37.36 13.67
CA ARG B 43 -9.99 37.21 12.22
C ARG B 43 -8.90 36.20 11.87
N LEU B 44 -9.19 35.31 10.91
CA LEU B 44 -8.22 34.32 10.43
C LEU B 44 -7.88 34.59 8.97
N TYR B 45 -6.59 34.47 8.62
CA TYR B 45 -6.10 34.71 7.27
C TYR B 45 -5.36 33.49 6.73
N LYS B 46 -5.47 33.26 5.42
CA LYS B 46 -4.49 32.45 4.69
C LYS B 46 -3.54 33.38 3.95
N ASP B 47 -2.28 33.41 4.38
CA ASP B 47 -1.25 34.26 3.76
C ASP B 47 -1.50 35.69 4.21
N ASP B 48 -2.20 36.48 3.39
CA ASP B 48 -2.49 37.87 3.74
C ASP B 48 -3.94 38.21 3.37
N GLN B 49 -4.78 37.17 3.22
CA GLN B 49 -6.12 37.30 2.67
C GLN B 49 -7.14 36.69 3.64
N LEU B 50 -8.09 37.55 4.08
CA LEU B 50 -9.04 37.23 5.14
C LEU B 50 -9.95 36.09 4.69
N LEU B 51 -10.41 35.30 5.67
CA LEU B 51 -11.16 34.08 5.41
C LEU B 51 -12.61 34.26 5.84
N ASP B 52 -13.54 33.93 4.94
CA ASP B 52 -14.96 34.03 5.22
C ASP B 52 -15.29 33.02 6.33
N ASP B 53 -16.09 33.46 7.31
CA ASP B 53 -16.36 32.69 8.53
C ASP B 53 -17.10 31.38 8.18
N GLY B 54 -17.91 31.42 7.11
CA GLY B 54 -18.73 30.29 6.74
C GLY B 54 -18.00 29.28 5.87
N LYS B 55 -16.98 29.74 5.12
CA LYS B 55 -16.25 28.91 4.16
C LYS B 55 -15.52 27.78 4.92
N THR B 56 -15.54 26.60 4.31
CA THR B 56 -14.89 25.41 4.85
C THR B 56 -13.38 25.50 4.62
N LEU B 57 -12.61 24.78 5.43
CA LEU B 57 -11.15 24.84 5.35
C LEU B 57 -10.66 24.38 3.98
N GLY B 58 -11.29 23.34 3.43
CA GLY B 58 -10.98 22.86 2.09
C GLY B 58 -11.13 23.93 1.02
N GLU B 59 -12.30 24.61 1.05
CA GLU B 59 -12.62 25.73 0.16
C GLU B 59 -11.58 26.85 0.31
N CYS B 60 -11.08 27.10 1.52
CA CYS B 60 -10.08 28.14 1.78
C CYS B 60 -8.72 27.77 1.18
N GLY B 61 -8.54 26.51 0.79
CA GLY B 61 -7.31 26.07 0.14
C GLY B 61 -6.45 25.17 1.02
N PHE B 62 -7.01 24.72 2.16
CA PHE B 62 -6.32 23.80 3.05
C PHE B 62 -6.71 22.38 2.67
N THR B 63 -5.77 21.63 2.11
CA THR B 63 -5.96 20.24 1.74
C THR B 63 -5.09 19.36 2.64
N SER B 64 -5.36 18.06 2.67
CA SER B 64 -4.48 17.09 3.29
C SER B 64 -3.09 17.16 2.67
N GLN B 65 -3.04 17.46 1.36
CA GLN B 65 -1.80 17.57 0.62
C GLN B 65 -1.00 18.80 1.05
N THR B 66 -1.67 19.94 1.21
CA THR B 66 -1.02 21.21 1.53
C THR B 66 -0.81 21.40 3.04
N ALA B 67 -1.46 20.57 3.87
CA ALA B 67 -1.47 20.82 5.30
C ALA B 67 -1.20 19.52 6.06
N ARG B 68 0.07 19.11 6.05
CA ARG B 68 0.45 17.80 6.54
C ARG B 68 0.91 17.94 7.99
N PRO B 69 0.91 16.84 8.79
CA PRO B 69 1.44 16.87 10.16
C PRO B 69 2.87 17.41 10.22
N GLN B 70 3.74 16.83 9.37
CA GLN B 70 5.17 17.13 9.29
C GLN B 70 5.44 18.48 8.62
N ALA B 71 4.41 19.03 7.95
CA ALA B 71 4.50 20.27 7.19
C ALA B 71 3.15 20.97 7.25
N PRO B 72 2.78 21.51 8.43
CA PRO B 72 1.49 22.14 8.60
C PRO B 72 1.37 23.49 7.89
N ALA B 73 0.14 23.77 7.43
CA ALA B 73 -0.22 25.03 6.81
C ALA B 73 -0.38 26.09 7.89
N THR B 74 -0.09 27.36 7.54
CA THR B 74 -0.10 28.48 8.47
C THR B 74 -1.39 29.28 8.28
N VAL B 75 -2.15 29.39 9.37
CA VAL B 75 -3.26 30.33 9.46
C VAL B 75 -2.78 31.56 10.23
N GLY B 76 -2.95 32.74 9.61
CA GLY B 76 -2.75 34.02 10.30
C GLY B 76 -3.89 34.34 11.27
N LEU B 77 -3.59 35.09 12.34
CA LEU B 77 -4.60 35.47 13.31
C LEU B 77 -4.43 36.93 13.71
N ALA B 78 -5.58 37.63 13.77
CA ALA B 78 -5.66 38.97 14.33
C ALA B 78 -6.71 38.98 15.43
N PHE B 79 -6.52 39.88 16.41
CA PHE B 79 -7.45 40.11 17.49
C PHE B 79 -7.94 41.56 17.46
N ARG B 80 -9.23 41.77 17.79
CA ARG B 80 -9.74 43.10 18.09
C ARG B 80 -9.25 43.48 19.49
N ALA B 81 -8.88 44.75 19.65
CA ALA B 81 -8.91 45.45 20.94
C ALA B 81 -9.37 46.88 20.69
N ASP B 82 -10.14 47.45 21.62
CA ASP B 82 -10.61 48.83 21.49
C ASP B 82 -11.41 48.96 20.19
N ASP B 83 -12.31 47.99 19.95
CA ASP B 83 -13.34 48.09 18.92
C ASP B 83 -12.75 48.25 17.51
N THR B 84 -11.51 47.79 17.30
CA THR B 84 -10.95 47.62 15.97
C THR B 84 -10.00 46.43 15.96
N PHE B 85 -10.02 45.66 14.87
CA PHE B 85 -9.03 44.62 14.65
C PHE B 85 -7.67 45.28 14.40
N GLU B 86 -6.63 44.74 15.05
CA GLU B 86 -5.25 45.12 14.75
C GLU B 86 -4.89 44.58 13.37
N ALA B 87 -3.75 45.06 12.83
CA ALA B 87 -3.18 44.51 11.62
C ALA B 87 -2.58 43.14 11.95
N LEU B 88 -2.58 42.25 10.96
CA LEU B 88 -2.11 40.88 11.14
C LEU B 88 -0.58 40.86 11.14
N CYS B 89 0.01 40.75 12.34
CA CYS B 89 1.46 40.68 12.47
C CYS B 89 1.84 39.27 12.91
N ILE B 90 2.76 38.64 12.17
CA ILE B 90 3.32 37.36 12.56
C ILE B 90 4.84 37.48 12.60
N GLU B 91 5.37 37.49 13.83
CA GLU B 91 6.80 37.42 14.13
C GLU B 91 7.41 36.21 13.42
N PRO B 92 8.48 36.38 12.58
CA PRO B 92 9.18 35.23 12.00
C PRO B 92 10.02 34.51 13.04
N PHE B 93 10.31 33.23 12.77
CA PHE B 93 11.17 32.45 13.64
C PHE B 93 12.62 32.91 13.47
N SER B 94 13.46 32.51 14.42
CA SER B 94 14.89 32.73 14.31
C SER B 94 15.41 32.10 13.03
N SER B 95 16.59 32.57 12.59
CA SER B 95 17.25 31.99 11.44
C SER B 95 18.29 30.98 11.91
N PRO B 96 18.52 29.90 11.13
CA PRO B 96 19.62 28.98 11.41
C PRO B 96 20.94 29.59 10.94
N PRO B 97 22.08 29.22 11.57
CA PRO B 97 23.40 29.54 11.02
C PRO B 97 23.56 29.04 9.59
N GLU B 98 24.51 29.66 8.87
CA GLU B 98 24.94 29.14 7.58
C GLU B 98 25.42 27.71 7.78
N LEU B 99 25.09 26.85 6.82
CA LEU B 99 25.52 25.46 6.83
C LEU B 99 27.03 25.38 7.11
N PRO B 100 27.49 24.53 8.05
CA PRO B 100 28.92 24.23 8.20
C PRO B 100 29.62 23.86 6.89
N ASP B 101 30.95 23.89 6.90
CA ASP B 101 31.73 23.60 5.71
C ASP B 101 31.79 22.08 5.49
N VAL B 102 31.76 21.32 6.60
CA VAL B 102 31.72 19.85 6.51
C VAL B 102 30.35 19.38 6.04
N MET B 103 29.33 20.22 6.22
CA MET B 103 27.96 19.91 5.88
C MET B 103 27.71 20.08 4.37
N LYS B 104 28.58 20.84 3.69
CA LYS B 104 28.55 20.88 2.23
C LYS B 104 29.38 19.71 1.67
N MET C 1 -9.24 18.12 24.98
CA MET C 1 -7.76 18.09 24.98
C MET C 1 -7.25 19.28 25.78
N MET C 2 -6.36 19.04 26.76
CA MET C 2 -5.55 20.09 27.38
C MET C 2 -4.41 20.49 26.46
N TYR C 3 -3.78 21.63 26.77
CA TYR C 3 -2.66 22.14 26.00
C TYR C 3 -1.48 22.48 26.91
N VAL C 4 -0.33 22.76 26.28
CA VAL C 4 0.84 23.26 26.97
C VAL C 4 1.49 24.32 26.09
N LYS C 5 2.21 25.23 26.75
CA LYS C 5 2.90 26.33 26.10
C LYS C 5 4.38 26.00 26.17
N LEU C 6 5.07 26.11 25.04
CA LEU C 6 6.50 25.85 24.96
C LEU C 6 7.17 27.12 24.45
N ILE C 7 8.05 27.68 25.30
CA ILE C 7 8.67 28.95 25.00
C ILE C 7 10.10 28.70 24.55
N SER C 8 10.45 29.25 23.38
CA SER C 8 11.77 29.10 22.80
C SER C 8 12.75 30.06 23.48
N SER C 9 14.03 29.94 23.10
CA SER C 9 15.08 30.86 23.53
C SER C 9 14.71 32.30 23.19
N ASP C 10 14.19 32.55 21.97
CA ASP C 10 13.90 33.90 21.50
C ASP C 10 12.45 34.27 21.83
N GLY C 11 11.89 33.64 22.88
CA GLY C 11 10.60 34.03 23.43
C GLY C 11 9.46 33.89 22.43
N HIS C 12 9.46 32.78 21.68
CA HIS C 12 8.30 32.37 20.92
C HIS C 12 7.52 31.35 21.73
N GLU C 13 6.18 31.46 21.73
CA GLU C 13 5.28 30.56 22.42
C GLU C 13 4.63 29.63 21.40
N PHE C 14 4.78 28.34 21.67
CA PHE C 14 4.21 27.29 20.85
C PHE C 14 3.24 26.53 21.74
N ILE C 15 1.96 26.57 21.38
CA ILE C 15 0.94 25.91 22.17
C ILE C 15 0.59 24.63 21.43
N VAL C 16 0.70 23.50 22.14
CA VAL C 16 0.56 22.18 21.52
C VAL C 16 -0.30 21.31 22.45
N LYS C 17 -1.15 20.46 21.85
CA LYS C 17 -1.96 19.51 22.62
C LYS C 17 -1.05 18.78 23.62
N ARG C 18 -1.45 18.71 24.90
CA ARG C 18 -0.63 18.12 25.94
C ARG C 18 -0.10 16.76 25.49
N GLU C 19 -1.01 15.88 25.01
CA GLU C 19 -0.66 14.52 24.64
C GLU C 19 0.48 14.52 23.63
N HIS C 20 0.49 15.50 22.71
CA HIS C 20 1.54 15.64 21.71
C HIS C 20 2.89 15.89 22.39
N ALA C 21 2.93 16.84 23.32
CA ALA C 21 4.16 17.23 24.00
C ALA C 21 4.77 16.07 24.79
N LEU C 22 3.94 15.09 25.19
CA LEU C 22 4.41 13.98 26.00
C LEU C 22 5.31 13.07 25.18
N THR C 23 5.20 13.17 23.86
CA THR C 23 6.13 12.56 22.95
C THR C 23 7.56 12.71 23.48
N SER C 24 7.86 13.85 24.12
CA SER C 24 9.19 14.09 24.68
C SER C 24 9.31 13.42 26.03
N GLY C 25 10.35 12.58 26.18
CA GLY C 25 10.68 12.00 27.47
C GLY C 25 11.05 13.08 28.48
N THR C 26 11.82 14.06 28.00
CA THR C 26 12.27 15.21 28.78
C THR C 26 11.09 16.06 29.26
N ILE C 27 10.13 16.35 28.35
CA ILE C 27 8.98 17.18 28.71
C ILE C 27 8.01 16.39 29.59
N LYS C 28 7.85 15.08 29.34
CA LYS C 28 7.03 14.24 30.19
C LYS C 28 7.39 14.49 31.65
N ALA C 29 8.70 14.55 31.94
CA ALA C 29 9.22 14.74 33.28
C ALA C 29 8.90 16.14 33.80
N MET C 30 9.12 17.16 32.96
CA MET C 30 9.00 18.57 33.36
C MET C 30 7.55 18.95 33.69
N LEU C 31 6.58 18.34 33.00
CA LEU C 31 5.16 18.65 33.16
C LEU C 31 4.53 17.81 34.27
N SER C 32 4.88 16.51 34.25
CA SER C 32 4.57 15.58 35.32
C SER C 32 5.06 16.15 36.65
N GLY C 33 6.00 17.11 36.60
CA GLY C 33 6.48 17.79 37.79
C GLY C 33 7.34 16.85 38.63
N PRO C 34 7.90 17.32 39.79
CA PRO C 34 8.87 16.52 40.54
C PRO C 34 8.30 15.46 41.49
N GLY C 35 8.69 14.21 41.20
CA GLY C 35 8.79 13.14 42.18
C GLY C 35 7.85 11.95 41.96
N GLN C 36 7.31 11.45 43.10
CA GLN C 36 6.26 10.44 43.18
C GLN C 36 4.92 11.17 43.19
N PHE C 37 4.76 12.09 44.16
CA PHE C 37 3.69 13.07 44.14
C PHE C 37 3.79 13.84 42.82
N ALA C 38 2.74 13.69 41.98
CA ALA C 38 2.60 14.44 40.74
C ALA C 38 1.81 15.73 41.00
N GLU C 39 1.80 16.19 42.25
CA GLU C 39 1.51 17.58 42.59
C GLU C 39 2.50 18.48 41.84
N ASN C 40 2.22 19.79 41.80
CA ASN C 40 3.06 20.76 41.10
C ASN C 40 3.06 20.44 39.61
N GLU C 41 1.87 20.56 39.00
CA GLU C 41 1.73 20.40 37.57
C GLU C 41 1.48 21.75 36.94
N THR C 42 2.41 22.17 36.07
CA THR C 42 2.29 23.38 35.28
C THR C 42 1.99 23.04 33.82
N ASN C 43 1.55 24.09 33.11
CA ASN C 43 1.08 24.03 31.73
C ASN C 43 2.15 24.55 30.78
N GLU C 44 3.32 24.94 31.32
CA GLU C 44 4.25 25.79 30.61
C GLU C 44 5.66 25.26 30.82
N VAL C 45 6.47 25.29 29.75
CA VAL C 45 7.87 24.89 29.84
C VAL C 45 8.72 25.84 28.99
N ASN C 46 9.72 26.46 29.63
CA ASN C 46 10.63 27.37 28.96
C ASN C 46 11.87 26.57 28.55
N PHE C 47 12.51 27.01 27.45
CA PHE C 47 13.71 26.40 26.92
C PHE C 47 14.74 27.50 26.70
N ARG C 48 15.72 27.55 27.63
CA ARG C 48 16.80 28.52 27.58
C ARG C 48 17.59 28.32 26.28
N GLU C 49 17.66 27.06 25.78
CA GLU C 49 18.57 26.70 24.71
C GLU C 49 17.97 26.83 23.30
N ILE C 50 16.76 26.31 23.09
CA ILE C 50 16.25 25.97 21.76
C ILE C 50 15.56 27.16 21.09
N PRO C 51 16.02 27.64 19.91
CA PRO C 51 15.37 28.75 19.22
C PRO C 51 14.07 28.35 18.52
N SER C 52 13.27 29.37 18.19
CA SER C 52 11.95 29.21 17.63
C SER C 52 11.97 28.25 16.45
N HIS C 53 12.97 28.44 15.56
CA HIS C 53 13.01 27.74 14.29
C HIS C 53 13.21 26.24 14.55
N VAL C 54 13.87 25.89 15.67
CA VAL C 54 14.07 24.48 16.03
C VAL C 54 12.82 23.95 16.72
N LEU C 55 12.34 24.68 17.73
CA LEU C 55 11.22 24.23 18.55
C LEU C 55 9.96 24.05 17.69
N SER C 56 9.74 24.90 16.68
CA SER C 56 8.60 24.73 15.79
C SER C 56 8.69 23.38 15.07
N LYS C 57 9.89 23.11 14.52
CA LYS C 57 10.16 21.89 13.79
C LYS C 57 10.07 20.69 14.73
N VAL C 58 10.39 20.92 16.00
CA VAL C 58 10.18 19.90 17.02
C VAL C 58 8.70 19.58 17.11
N CYS C 59 7.87 20.63 17.25
CA CYS C 59 6.44 20.45 17.47
C CYS C 59 5.80 19.74 16.29
N MET C 60 6.27 20.09 15.09
CA MET C 60 5.87 19.39 13.88
C MET C 60 6.15 17.90 14.01
N TYR C 61 7.26 17.55 14.70
CA TYR C 61 7.57 16.15 14.91
C TYR C 61 6.51 15.50 15.79
N PHE C 62 6.17 16.15 16.90
CA PHE C 62 5.16 15.65 17.82
C PHE C 62 3.88 15.31 17.06
N THR C 63 3.40 16.26 16.24
CA THR C 63 2.19 16.07 15.44
C THR C 63 2.29 14.81 14.57
N TYR C 64 3.44 14.73 13.88
CA TYR C 64 3.75 13.69 12.93
C TYR C 64 3.75 12.36 13.67
N LYS C 65 4.45 12.34 14.82
CA LYS C 65 4.74 11.10 15.52
C LYS C 65 3.44 10.48 16.02
N VAL C 66 2.61 11.33 16.67
CA VAL C 66 1.32 10.92 17.21
C VAL C 66 0.40 10.47 16.09
N ARG C 67 0.37 11.25 15.00
CA ARG C 67 -0.50 10.96 13.88
C ARG C 67 -0.19 9.56 13.35
N TYR C 68 1.11 9.27 13.25
CA TYR C 68 1.54 8.19 12.37
C TYR C 68 1.98 6.96 13.16
N THR C 69 2.36 7.11 14.44
CA THR C 69 2.71 5.93 15.21
C THR C 69 1.48 5.04 15.34
N ASN C 70 1.67 3.75 15.11
CA ASN C 70 0.62 2.75 15.17
C ASN C 70 -0.43 2.95 14.08
N SER C 71 -0.12 3.70 13.03
CA SER C 71 -1.10 4.03 12.02
C SER C 71 -1.06 2.96 10.95
N SER C 72 -2.20 2.73 10.31
CA SER C 72 -2.29 1.79 9.20
C SER C 72 -2.28 2.53 7.86
N THR C 73 -2.12 3.86 7.89
CA THR C 73 -1.97 4.64 6.67
C THR C 73 -0.51 4.67 6.28
N GLU C 74 -0.24 5.04 5.03
CA GLU C 74 1.11 4.99 4.48
C GLU C 74 1.90 6.11 5.16
N ILE C 75 3.13 5.79 5.63
CA ILE C 75 3.92 6.71 6.43
C ILE C 75 4.82 7.55 5.53
N PRO C 76 4.70 8.90 5.55
CA PRO C 76 5.60 9.77 4.78
C PRO C 76 6.93 9.96 5.50
N GLU C 77 7.93 10.49 4.80
CA GLU C 77 9.22 10.86 5.38
C GLU C 77 9.05 12.13 6.23
N PHE C 78 9.70 12.13 7.41
CA PHE C 78 9.82 13.37 8.17
C PHE C 78 10.99 14.15 7.60
N PRO C 79 10.74 15.30 6.96
CA PRO C 79 11.79 16.07 6.29
C PRO C 79 12.58 17.00 7.21
N ILE C 80 13.88 17.16 6.92
CA ILE C 80 14.75 18.05 7.67
C ILE C 80 15.70 18.77 6.70
N ALA C 81 15.52 20.09 6.55
CA ALA C 81 16.45 20.93 5.80
C ALA C 81 17.85 20.79 6.42
N PRO C 82 18.94 20.80 5.62
CA PRO C 82 20.31 20.79 6.16
C PRO C 82 20.64 21.82 7.24
N GLU C 83 20.02 23.00 7.16
CA GLU C 83 20.29 24.09 8.08
C GLU C 83 19.74 23.81 9.49
N ILE C 84 18.64 23.05 9.62
CA ILE C 84 18.06 22.73 10.92
C ILE C 84 18.72 21.48 11.49
N ALA C 85 19.23 20.61 10.60
CA ALA C 85 19.67 19.28 10.97
C ALA C 85 20.45 19.28 12.29
N LEU C 86 21.53 20.08 12.36
CA LEU C 86 22.42 20.02 13.51
C LEU C 86 21.69 20.43 14.77
N GLU C 87 21.12 21.64 14.74
CA GLU C 87 20.41 22.14 15.90
C GLU C 87 19.30 21.17 16.31
N LEU C 88 18.59 20.62 15.33
CA LEU C 88 17.44 19.78 15.59
C LEU C 88 17.90 18.50 16.26
N LEU C 89 19.07 18.00 15.87
CA LEU C 89 19.63 16.81 16.46
C LEU C 89 19.90 17.04 17.94
N MET C 90 20.61 18.13 18.24
CA MET C 90 20.86 18.54 19.61
C MET C 90 19.56 18.64 20.39
N ALA C 91 18.58 19.33 19.81
CA ALA C 91 17.26 19.44 20.41
C ALA C 91 16.70 18.04 20.68
N ALA C 92 16.53 17.23 19.62
CA ALA C 92 15.98 15.89 19.75
C ALA C 92 16.71 15.10 20.84
N ASN C 93 18.03 15.22 20.82
CA ASN C 93 18.88 14.61 21.83
C ASN C 93 18.46 15.03 23.25
N PHE C 94 18.38 16.34 23.46
CA PHE C 94 18.01 16.90 24.76
C PHE C 94 16.59 16.50 25.20
N LEU C 95 15.67 16.35 24.25
CA LEU C 95 14.26 16.18 24.58
C LEU C 95 13.88 14.71 24.73
N ASP C 96 14.79 13.79 24.33
CA ASP C 96 14.53 12.36 24.31
C ASP C 96 13.22 12.06 23.56
N CYS C 97 13.21 12.38 22.25
CA CYS C 97 12.05 12.16 21.40
C CYS C 97 12.52 11.74 20.01
N PRO D 10 21.21 -19.91 15.26
CA PRO D 10 20.49 -19.01 16.18
C PRO D 10 18.99 -19.30 16.20
N VAL D 11 18.24 -18.50 16.96
CA VAL D 11 16.79 -18.55 16.97
C VAL D 11 16.25 -17.97 15.66
N LEU D 12 16.93 -16.91 15.18
CA LEU D 12 16.49 -16.12 14.03
C LEU D 12 17.16 -16.58 12.74
N ARG D 13 16.48 -17.53 12.09
CA ARG D 13 16.95 -18.19 10.89
C ARG D 13 15.72 -18.68 10.13
N SER D 14 15.91 -19.02 8.85
CA SER D 14 14.84 -19.61 8.07
C SER D 14 14.79 -21.11 8.35
N VAL D 15 13.57 -21.61 8.51
CA VAL D 15 13.32 -23.04 8.54
C VAL D 15 13.35 -23.53 7.10
N ASN D 16 14.08 -24.63 6.86
CA ASN D 16 14.17 -25.20 5.52
C ASN D 16 12.94 -26.07 5.26
N SER D 17 11.78 -25.43 5.12
CA SER D 17 10.52 -26.15 4.96
C SER D 17 10.42 -26.77 3.57
N ARG D 18 11.07 -26.12 2.59
N ARG D 18 11.08 -26.15 2.58
CA ARG D 18 11.03 -26.57 1.20
CA ARG D 18 11.02 -26.60 1.20
C ARG D 18 9.58 -26.63 0.68
C ARG D 18 9.58 -26.63 0.68
N GLU D 19 8.73 -25.72 1.19
CA GLU D 19 7.34 -25.63 0.73
C GLU D 19 7.07 -24.22 0.21
N PRO D 20 6.83 -24.08 -1.11
CA PRO D 20 6.80 -22.78 -1.76
C PRO D 20 5.68 -21.88 -1.25
N SER D 21 5.94 -20.57 -1.24
CA SER D 21 4.90 -19.57 -1.07
C SER D 21 5.16 -18.36 -1.98
N GLN D 22 4.14 -18.05 -2.81
CA GLN D 22 4.12 -16.86 -3.61
C GLN D 22 3.87 -15.66 -2.71
N VAL D 23 4.82 -14.71 -2.69
CA VAL D 23 4.71 -13.47 -1.93
C VAL D 23 4.71 -12.27 -2.90
N ILE D 24 4.20 -11.14 -2.41
CA ILE D 24 4.32 -9.85 -3.07
C ILE D 24 5.06 -8.89 -2.15
N PHE D 25 6.21 -8.40 -2.61
CA PHE D 25 6.91 -7.32 -1.96
C PHE D 25 6.38 -5.99 -2.51
N CYS D 26 5.81 -5.14 -1.64
CA CYS D 26 5.43 -3.78 -2.05
C CYS D 26 6.27 -2.75 -1.31
N ASN D 27 7.00 -1.93 -2.07
CA ASN D 27 7.84 -0.90 -1.49
C ASN D 27 7.02 0.39 -1.42
N ARG D 28 6.31 0.58 -0.29
CA ARG D 28 5.55 1.79 -0.02
C ARG D 28 6.35 2.72 0.88
N SER D 29 7.64 2.81 0.55
CA SER D 29 8.52 3.77 1.20
C SER D 29 9.08 4.66 0.12
N PRO D 30 9.62 5.84 0.47
CA PRO D 30 10.34 6.70 -0.47
C PRO D 30 11.78 6.27 -0.70
N ARG D 31 12.20 5.23 0.02
CA ARG D 31 13.55 4.68 -0.01
C ARG D 31 13.64 3.57 -1.05
N VAL D 32 14.87 3.35 -1.54
CA VAL D 32 15.20 2.10 -2.18
C VAL D 32 15.32 1.02 -1.12
N VAL D 33 14.61 -0.09 -1.34
CA VAL D 33 14.51 -1.13 -0.33
C VAL D 33 15.37 -2.29 -0.76
N LEU D 34 16.22 -2.72 0.17
CA LEU D 34 16.90 -4.00 0.05
C LEU D 34 16.18 -5.02 0.91
N PRO D 35 15.55 -6.06 0.32
CA PRO D 35 15.03 -7.19 1.07
C PRO D 35 16.22 -8.05 1.50
N VAL D 36 16.15 -8.55 2.75
CA VAL D 36 17.24 -9.33 3.33
C VAL D 36 16.66 -10.65 3.81
N TRP D 37 17.14 -11.75 3.21
CA TRP D 37 16.74 -13.08 3.61
C TRP D 37 17.71 -13.62 4.64
N LEU D 38 17.18 -14.20 5.72
CA LEU D 38 17.99 -14.87 6.73
C LEU D 38 18.05 -16.34 6.37
N ASN D 39 19.25 -16.82 5.99
CA ASN D 39 19.40 -18.17 5.48
C ASN D 39 19.19 -19.13 6.64
N PHE D 40 19.43 -20.42 6.38
CA PHE D 40 19.06 -21.48 7.29
C PHE D 40 19.89 -21.37 8.57
N ASP D 41 21.09 -20.77 8.46
CA ASP D 41 21.95 -20.49 9.60
C ASP D 41 21.66 -19.09 10.16
N GLY D 42 20.77 -18.34 9.51
CA GLY D 42 20.35 -17.05 10.00
C GLY D 42 21.33 -15.93 9.64
N GLU D 43 22.19 -16.17 8.64
CA GLU D 43 23.07 -15.13 8.13
C GLU D 43 22.32 -14.36 7.05
N PRO D 44 22.36 -13.00 7.10
CA PRO D 44 21.58 -12.17 6.18
C PRO D 44 22.12 -12.23 4.75
N GLN D 45 21.23 -12.56 3.81
CA GLN D 45 21.54 -12.63 2.39
C GLN D 45 20.75 -11.55 1.65
N PRO D 46 21.42 -10.60 0.95
CA PRO D 46 20.75 -9.57 0.16
C PRO D 46 20.00 -10.10 -1.04
N TYR D 47 18.87 -9.47 -1.37
CA TYR D 47 18.16 -9.76 -2.61
C TYR D 47 18.01 -8.46 -3.39
N PRO D 48 17.49 -8.51 -4.63
CA PRO D 48 17.44 -7.32 -5.47
C PRO D 48 16.46 -6.28 -4.91
N THR D 49 16.89 -5.01 -5.06
CA THR D 49 16.21 -3.87 -4.48
C THR D 49 14.92 -3.58 -5.24
N LEU D 50 13.94 -3.06 -4.49
CA LEU D 50 12.80 -2.40 -5.09
C LEU D 50 13.04 -0.90 -5.02
N PRO D 51 12.85 -0.17 -6.13
CA PRO D 51 12.73 1.29 -6.08
C PRO D 51 11.50 1.69 -5.29
N PRO D 52 11.40 2.96 -4.83
CA PRO D 52 10.21 3.44 -4.12
C PRO D 52 8.96 3.24 -4.98
N GLY D 53 7.86 2.82 -4.35
CA GLY D 53 6.59 2.76 -5.03
C GLY D 53 6.37 1.42 -5.70
N THR D 54 7.46 0.75 -6.11
CA THR D 54 7.36 -0.42 -6.96
C THR D 54 6.98 -1.64 -6.12
N GLY D 55 6.34 -2.61 -6.77
CA GLY D 55 6.02 -3.90 -6.18
C GLY D 55 6.37 -5.01 -7.16
N ARG D 56 6.61 -6.22 -6.63
CA ARG D 56 7.19 -7.34 -7.37
C ARG D 56 6.75 -8.63 -6.67
N ARG D 57 6.38 -9.66 -7.44
CA ARG D 57 6.24 -11.01 -6.89
C ARG D 57 7.61 -11.64 -6.59
N ILE D 58 7.59 -12.51 -5.58
CA ILE D 58 8.77 -13.26 -5.23
C ILE D 58 8.35 -14.64 -4.71
N HIS D 59 9.04 -15.64 -5.25
CA HIS D 59 8.85 -17.03 -4.88
C HIS D 59 9.68 -17.29 -3.64
N SER D 60 9.01 -17.51 -2.51
CA SER D 60 9.71 -17.85 -1.27
C SER D 60 9.11 -19.15 -0.73
N TYR D 61 9.42 -19.50 0.53
CA TYR D 61 8.93 -20.73 1.13
C TYR D 61 8.41 -20.46 2.55
N ARG D 62 7.51 -21.35 3.02
CA ARG D 62 6.97 -21.29 4.37
C ARG D 62 8.12 -21.24 5.38
N GLY D 63 8.04 -20.30 6.32
CA GLY D 63 8.96 -20.27 7.44
C GLY D 63 10.31 -19.64 7.10
N HIS D 64 10.32 -18.71 6.13
CA HIS D 64 11.54 -18.07 5.68
C HIS D 64 11.53 -16.64 6.19
N LEU D 65 12.56 -16.27 6.98
CA LEU D 65 12.60 -15.00 7.68
C LEU D 65 13.16 -13.90 6.79
N TRP D 66 12.35 -12.84 6.67
CA TRP D 66 12.65 -11.70 5.82
C TRP D 66 12.73 -10.42 6.65
N LEU D 67 13.49 -9.47 6.13
CA LEU D 67 13.75 -8.20 6.78
C LEU D 67 14.11 -7.20 5.66
N PHE D 68 13.79 -5.91 5.83
CA PHE D 68 13.86 -4.93 4.75
C PHE D 68 14.55 -3.67 5.24
N ARG D 69 15.57 -3.21 4.49
CA ARG D 69 16.36 -2.06 4.89
C ARG D 69 16.52 -1.11 3.71
N ASP D 70 16.73 0.19 4.01
CA ASP D 70 17.23 1.13 3.01
C ASP D 70 18.49 0.51 2.40
N ALA D 71 18.53 0.44 1.07
CA ALA D 71 19.64 -0.17 0.35
C ALA D 71 20.89 0.71 0.45
N GLY D 72 20.69 2.01 0.61
CA GLY D 72 21.75 3.01 0.62
C GLY D 72 22.39 3.17 2.00
N THR D 73 21.59 3.01 3.05
CA THR D 73 22.00 3.42 4.39
C THR D 73 21.71 2.36 5.44
N HIS D 74 21.03 1.28 5.04
CA HIS D 74 20.71 0.20 5.96
C HIS D 74 19.80 0.65 7.10
N ASP D 75 19.04 1.73 6.91
CA ASP D 75 18.00 2.12 7.86
C ASP D 75 16.95 1.00 7.94
N GLY D 76 16.45 0.73 9.15
CA GLY D 76 15.37 -0.23 9.36
C GLY D 76 14.03 0.23 8.76
N LEU D 77 13.27 -0.73 8.22
CA LEU D 77 11.96 -0.46 7.66
C LEU D 77 10.96 -1.48 8.20
N LEU D 78 9.68 -1.14 8.16
CA LEU D 78 8.63 -2.01 8.61
C LEU D 78 8.08 -2.83 7.43
N VAL D 79 7.64 -4.04 7.76
CA VAL D 79 6.90 -4.87 6.82
C VAL D 79 5.66 -5.39 7.54
N ASN D 80 4.48 -4.95 7.08
CA ASN D 80 3.21 -5.28 7.70
C ASN D 80 3.30 -4.78 9.14
N GLN D 81 3.72 -3.52 9.24
CA GLN D 81 3.80 -2.75 10.47
C GLN D 81 4.75 -3.41 11.48
N THR D 82 5.67 -4.28 11.05
CA THR D 82 6.49 -5.04 11.98
C THR D 82 7.91 -5.21 11.44
N GLU D 83 8.78 -5.79 12.28
CA GLU D 83 10.22 -5.88 12.05
C GLU D 83 10.56 -6.97 11.02
N LEU D 84 9.92 -8.13 11.20
CA LEU D 84 10.23 -9.32 10.45
C LEU D 84 9.01 -9.73 9.62
N PHE D 85 9.31 -10.55 8.61
CA PHE D 85 8.27 -11.10 7.76
C PHE D 85 8.57 -12.56 7.52
N VAL D 86 7.58 -13.39 7.82
CA VAL D 86 7.62 -14.82 7.56
C VAL D 86 6.29 -15.23 6.94
N PRO D 87 6.29 -15.68 5.66
CA PRO D 87 5.06 -16.12 5.04
C PRO D 87 4.54 -17.42 5.65
N SER D 88 3.22 -17.48 5.87
CA SER D 88 2.53 -18.74 6.10
C SER D 88 2.52 -19.59 4.83
N LEU D 89 1.69 -20.63 4.79
CA LEU D 89 1.32 -21.30 3.55
C LEU D 89 0.25 -20.46 2.83
N ASN D 90 0.40 -20.35 1.51
CA ASN D 90 -0.64 -19.81 0.66
C ASN D 90 -1.95 -20.54 0.95
N VAL D 91 -3.01 -19.79 1.25
CA VAL D 91 -4.33 -20.37 1.42
C VAL D 91 -5.00 -20.45 0.05
N ASP D 92 -5.07 -21.67 -0.51
CA ASP D 92 -5.66 -21.93 -1.82
C ASP D 92 -4.92 -21.15 -2.89
N GLY D 93 -3.57 -21.15 -2.81
CA GLY D 93 -2.69 -20.51 -3.77
C GLY D 93 -2.97 -19.02 -3.96
N GLN D 94 -3.27 -18.31 -2.87
CA GLN D 94 -3.43 -16.86 -2.89
C GLN D 94 -2.13 -16.25 -2.36
N PRO D 95 -1.55 -15.21 -3.00
CA PRO D 95 -0.26 -14.70 -2.57
C PRO D 95 -0.33 -13.98 -1.21
N ILE D 96 0.75 -14.13 -0.44
CA ILE D 96 1.00 -13.38 0.77
C ILE D 96 1.58 -12.01 0.40
N PHE D 97 1.16 -10.96 1.12
CA PHE D 97 1.54 -9.60 0.81
C PHE D 97 2.43 -9.03 1.93
N ALA D 98 3.58 -8.47 1.50
CA ALA D 98 4.52 -7.80 2.39
C ALA D 98 4.58 -6.30 2.04
N ASN D 99 3.83 -5.51 2.82
CA ASN D 99 3.78 -4.07 2.68
C ASN D 99 4.93 -3.45 3.47
N ILE D 100 5.85 -2.82 2.74
CA ILE D 100 7.08 -2.26 3.29
C ILE D 100 6.89 -0.75 3.41
N THR D 101 7.18 -0.21 4.59
CA THR D 101 6.99 1.21 4.86
C THR D 101 8.12 1.71 5.74
N LEU D 102 8.31 3.03 5.76
CA LEU D 102 9.07 3.69 6.80
C LEU D 102 8.44 3.37 8.17
N PRO D 103 9.27 3.12 9.20
CA PRO D 103 8.80 3.28 10.57
C PRO D 103 8.69 4.76 10.95
N VAL D 104 7.99 5.00 12.06
CA VAL D 104 8.09 6.30 12.68
C VAL D 104 9.41 6.29 13.45
N TYR D 105 10.46 6.80 12.83
CA TYR D 105 11.73 6.96 13.52
C TYR D 105 11.54 8.02 14.59
N THR D 106 12.31 7.90 15.68
CA THR D 106 12.45 8.97 16.65
C THR D 106 13.09 10.16 15.96
N LEU D 107 12.77 11.36 16.45
CA LEU D 107 13.30 12.57 15.81
C LEU D 107 14.82 12.52 15.89
N LYS D 108 15.34 11.94 16.98
CA LYS D 108 16.77 11.86 17.18
C LYS D 108 17.39 11.01 16.09
N GLU D 109 16.82 9.83 15.82
CA GLU D 109 17.33 8.94 14.80
C GLU D 109 17.21 9.57 13.42
N ARG D 110 16.08 10.21 13.16
CA ARG D 110 15.82 10.83 11.88
C ARG D 110 16.89 11.88 11.62
N CYS D 111 17.19 12.69 12.64
CA CYS D 111 18.19 13.72 12.55
C CYS D 111 19.53 13.06 12.22
N LEU D 112 19.85 11.95 12.91
CA LEU D 112 21.09 11.24 12.71
C LEU D 112 21.22 10.81 11.24
N GLN D 113 20.15 10.22 10.69
CA GLN D 113 20.07 9.80 9.28
C GLN D 113 20.53 10.93 8.35
N VAL D 114 19.91 12.09 8.56
CA VAL D 114 20.08 13.25 7.71
C VAL D 114 21.53 13.77 7.79
N VAL D 115 22.11 13.80 9.00
CA VAL D 115 23.44 14.40 9.20
C VAL D 115 24.50 13.46 8.62
N ARG D 116 24.29 12.15 8.82
CA ARG D 116 25.10 11.12 8.16
C ARG D 116 25.14 11.33 6.65
N SER D 117 24.02 11.81 6.08
CA SER D 117 23.87 11.97 4.64
C SER D 117 24.55 13.25 4.14
N LEU D 118 24.95 14.16 5.03
CA LEU D 118 25.61 15.40 4.63
C LEU D 118 27.10 15.39 5.00
N VAL D 119 27.52 14.40 5.80
CA VAL D 119 28.81 14.48 6.46
C VAL D 119 29.50 13.13 6.37
N LYS D 120 30.76 13.19 5.93
CA LYS D 120 31.61 12.02 5.85
C LYS D 120 32.04 11.64 7.26
N PRO D 121 32.08 10.33 7.63
CA PRO D 121 32.48 9.92 8.98
C PRO D 121 33.76 10.57 9.52
N GLU D 122 34.70 10.84 8.59
CA GLU D 122 35.97 11.52 8.79
C GLU D 122 35.76 12.93 9.32
N ASN D 123 34.52 13.45 9.26
CA ASN D 123 34.22 14.81 9.63
C ASN D 123 33.14 14.91 10.72
N TYR D 124 32.71 13.76 11.30
CA TYR D 124 31.71 13.82 12.37
C TYR D 124 32.31 14.61 13.54
N ARG D 125 33.61 14.39 13.76
CA ARG D 125 34.37 14.96 14.86
C ARG D 125 34.47 16.48 14.73
N ARG D 126 34.47 16.98 13.50
CA ARG D 126 34.60 18.41 13.24
C ARG D 126 33.30 19.18 13.49
N LEU D 127 32.17 18.49 13.74
CA LEU D 127 30.86 19.13 13.96
C LEU D 127 30.79 19.75 15.35
N ASP D 128 30.05 20.84 15.49
CA ASP D 128 30.06 21.63 16.72
C ASP D 128 28.93 21.17 17.64
N ILE D 129 29.16 20.04 18.34
CA ILE D 129 28.12 19.29 19.03
C ILE D 129 28.73 18.38 20.10
N VAL D 130 27.87 17.93 21.02
CA VAL D 130 28.21 17.12 22.17
C VAL D 130 29.01 15.88 21.75
N ARG D 131 29.98 15.46 22.60
CA ARG D 131 30.89 14.37 22.25
C ARG D 131 30.10 13.06 22.17
N SER D 132 28.89 13.04 22.75
CA SER D 132 28.08 11.85 22.81
C SER D 132 27.55 11.57 21.41
N LEU D 133 27.19 12.64 20.70
CA LEU D 133 26.51 12.54 19.41
C LEU D 133 27.45 11.99 18.34
N TYR D 134 28.77 12.27 18.44
CA TYR D 134 29.73 11.69 17.51
C TYR D 134 29.64 10.16 17.58
N GLU D 135 29.37 9.66 18.79
CA GLU D 135 29.30 8.24 19.02
C GLU D 135 27.99 7.68 18.42
N ASP D 136 26.91 8.46 18.50
CA ASP D 136 25.62 8.07 17.93
C ASP D 136 25.69 8.07 16.40
N LEU D 137 26.20 9.15 15.81
CA LEU D 137 26.44 9.24 14.37
C LEU D 137 27.24 8.05 13.88
N GLU D 138 28.37 7.77 14.54
CA GLU D 138 29.24 6.67 14.15
C GLU D 138 28.53 5.32 14.27
N ASP D 139 27.49 5.24 15.11
CA ASP D 139 26.75 3.99 15.28
C ASP D 139 25.79 3.81 14.10
N HIS D 140 26.37 3.45 12.95
CA HIS D 140 25.62 3.26 11.72
C HIS D 140 24.58 2.15 11.88
N PRO D 141 23.37 2.32 11.31
CA PRO D 141 22.44 1.21 11.12
C PRO D 141 23.18 -0.06 10.68
N ASN D 142 22.89 -1.15 11.39
CA ASN D 142 23.63 -2.39 11.25
C ASN D 142 22.64 -3.55 11.34
N VAL D 143 22.61 -4.37 10.28
CA VAL D 143 21.75 -5.54 10.26
C VAL D 143 22.13 -6.47 11.40
N GLN D 144 23.42 -6.84 11.46
CA GLN D 144 23.97 -7.75 12.47
C GLN D 144 23.55 -7.33 13.87
N LYS D 145 23.72 -6.04 14.21
CA LYS D 145 23.43 -5.53 15.55
C LYS D 145 21.93 -5.64 15.82
N ASP D 146 21.10 -5.33 14.81
CA ASP D 146 19.65 -5.34 14.95
C ASP D 146 19.15 -6.77 15.19
N LEU D 147 19.88 -7.75 14.63
CA LEU D 147 19.56 -9.15 14.77
C LEU D 147 19.74 -9.60 16.23
N GLU D 148 20.79 -9.08 16.89
CA GLU D 148 21.09 -9.45 18.26
C GLU D 148 20.00 -8.89 19.16
N ARG D 149 19.63 -7.61 19.00
CA ARG D 149 18.55 -6.99 19.76
C ARG D 149 17.26 -7.78 19.55
N LEU D 150 17.00 -8.18 18.30
CA LEU D 150 15.79 -8.91 17.95
C LEU D 150 15.80 -10.34 18.50
N THR D 151 16.99 -10.95 18.64
CA THR D 151 17.14 -12.32 19.12
C THR D 151 16.93 -12.37 20.63
N GLN D 152 17.32 -11.28 21.32
CA GLN D 152 17.08 -11.17 22.76
C GLN D 152 15.58 -10.94 23.01
N GLU D 153 14.91 -10.27 22.07
CA GLU D 153 13.49 -10.02 22.18
C GLU D 153 12.70 -11.33 22.02
N ARG D 154 13.22 -12.29 21.24
CA ARG D 154 12.51 -13.53 20.97
C ARG D 154 12.73 -14.55 22.10
N ILE D 155 13.85 -14.44 22.84
CA ILE D 155 14.12 -15.30 24.00
C ILE D 155 13.35 -14.77 25.22
N ALA D 156 12.99 -13.48 25.22
CA ALA D 156 12.27 -12.84 26.31
C ALA D 156 10.74 -12.90 26.07
N HIS D 157 10.27 -13.90 25.29
CA HIS D 157 8.87 -14.22 25.16
C HIS D 157 8.59 -15.61 25.79
N GLN D 158 9.09 -15.79 27.03
CA GLN D 158 8.87 -17.00 27.83
C GLN D 158 9.05 -18.24 26.93
N SER E 20 10.54 -8.65 46.40
CA SER E 20 11.70 -8.95 45.52
C SER E 20 11.78 -10.44 45.18
N GLU E 21 11.75 -11.32 46.20
CA GLU E 21 11.51 -12.75 45.99
C GLU E 21 10.03 -12.95 45.63
N GLN E 22 9.21 -11.96 46.01
CA GLN E 22 7.80 -11.90 45.67
C GLN E 22 7.60 -11.60 44.17
N LEU E 23 8.34 -10.61 43.65
CA LEU E 23 8.23 -10.22 42.25
C LEU E 23 8.73 -11.34 41.33
N LYS E 24 9.44 -12.34 41.87
CA LYS E 24 9.82 -13.53 41.12
C LYS E 24 8.68 -14.56 41.17
N CYS E 25 7.83 -14.50 42.21
CA CYS E 25 6.55 -15.20 42.24
C CYS E 25 5.55 -14.50 41.31
N CYS E 26 5.44 -13.15 41.43
CA CYS E 26 4.59 -12.32 40.56
C CYS E 26 4.80 -12.67 39.08
N SER E 27 6.08 -12.83 38.72
CA SER E 27 6.51 -13.27 37.40
C SER E 27 6.01 -14.70 37.11
N GLY E 28 6.01 -15.54 38.15
CA GLY E 28 5.50 -16.91 38.05
C GLY E 28 4.03 -16.92 37.67
N ILE E 29 3.26 -15.96 38.25
CA ILE E 29 1.83 -15.84 38.06
C ILE E 29 1.53 -15.40 36.62
N LEU E 30 2.28 -14.40 36.14
CA LEU E 30 2.11 -13.89 34.79
C LEU E 30 2.46 -14.98 33.77
N LYS E 31 3.55 -15.71 34.05
CA LYS E 31 3.93 -16.90 33.30
C LYS E 31 2.72 -17.84 33.19
N GLU E 32 2.16 -18.20 34.35
CA GLU E 32 1.00 -19.07 34.43
C GLU E 32 -0.10 -18.58 33.49
N MET E 33 -0.36 -17.28 33.47
CA MET E 33 -1.54 -16.73 32.83
C MET E 33 -1.40 -16.83 31.31
N PHE E 34 -0.15 -16.68 30.86
CA PHE E 34 0.22 -16.82 29.46
C PHE E 34 0.24 -18.30 29.02
N ALA E 35 0.32 -19.26 29.95
CA ALA E 35 0.34 -20.69 29.64
C ALA E 35 -0.74 -21.09 28.65
N LYS E 36 -0.49 -22.23 27.98
CA LYS E 36 -1.23 -22.65 26.80
C LYS E 36 -2.63 -23.09 27.22
N LYS E 37 -2.76 -23.66 28.42
CA LYS E 37 -4.04 -24.19 28.88
C LYS E 37 -5.05 -23.05 29.07
N HIS E 38 -4.55 -21.91 29.54
CA HIS E 38 -5.39 -20.75 29.81
C HIS E 38 -5.80 -20.02 28.52
N ALA E 39 -5.06 -20.25 27.42
CA ALA E 39 -5.13 -19.43 26.22
C ALA E 39 -6.54 -19.29 25.61
N ALA E 40 -7.43 -20.27 25.81
CA ALA E 40 -8.77 -20.23 25.22
C ALA E 40 -9.59 -19.06 25.75
N TYR E 41 -9.25 -18.57 26.95
CA TYR E 41 -9.91 -17.42 27.55
C TYR E 41 -8.94 -16.27 27.86
N ALA E 42 -7.63 -16.54 27.87
CA ALA E 42 -6.64 -15.56 28.28
C ALA E 42 -6.28 -14.61 27.14
N TRP E 43 -6.71 -14.95 25.92
CA TRP E 43 -6.07 -14.38 24.74
C TRP E 43 -6.48 -12.93 24.47
N PRO E 44 -7.69 -12.43 24.85
CA PRO E 44 -8.01 -11.01 24.65
C PRO E 44 -7.15 -10.05 25.49
N PHE E 45 -6.41 -10.59 26.48
CA PHE E 45 -5.73 -9.76 27.45
C PHE E 45 -4.22 -9.77 27.21
N TYR E 46 -3.75 -10.64 26.29
CA TYR E 46 -2.32 -10.81 26.06
C TYR E 46 -1.67 -9.48 25.63
N LYS E 47 -2.31 -8.68 24.77
CA LYS E 47 -1.68 -7.44 24.28
C LYS E 47 -2.64 -6.26 24.44
N PRO E 48 -2.16 -4.99 24.39
CA PRO E 48 -3.02 -3.82 24.54
C PRO E 48 -4.20 -3.75 23.58
N VAL E 49 -5.31 -3.22 24.07
CA VAL E 49 -6.57 -3.23 23.36
C VAL E 49 -6.43 -2.33 22.13
N ASP E 50 -6.65 -2.90 20.94
CA ASP E 50 -6.46 -2.17 19.70
C ASP E 50 -7.82 -1.57 19.32
N VAL E 51 -8.01 -0.28 19.62
CA VAL E 51 -9.32 0.34 19.46
C VAL E 51 -9.72 0.30 17.98
N GLU E 52 -8.75 0.50 17.07
CA GLU E 52 -8.97 0.49 15.62
C GLU E 52 -9.38 -0.89 15.11
N ALA E 53 -8.62 -1.90 15.54
CA ALA E 53 -8.85 -3.29 15.18
C ALA E 53 -10.23 -3.74 15.64
N LEU E 54 -10.69 -3.25 16.80
CA LEU E 54 -11.94 -3.70 17.41
C LEU E 54 -13.09 -2.77 17.05
N GLY E 55 -12.76 -1.60 16.47
CA GLY E 55 -13.75 -0.65 16.00
C GLY E 55 -14.45 0.09 17.14
N LEU E 56 -13.70 0.51 18.17
CA LEU E 56 -14.26 1.08 19.40
C LEU E 56 -13.92 2.58 19.50
N HIS E 57 -14.91 3.43 19.22
CA HIS E 57 -14.68 4.86 19.16
C HIS E 57 -14.75 5.48 20.55
N ASP E 58 -15.30 4.77 21.53
CA ASP E 58 -15.56 5.35 22.85
C ASP E 58 -14.63 4.78 23.92
N TYR E 59 -13.87 3.72 23.60
CA TYR E 59 -13.12 2.99 24.61
C TYR E 59 -12.21 3.94 25.40
N CYS E 60 -11.44 4.76 24.68
CA CYS E 60 -10.45 5.63 25.31
C CYS E 60 -11.09 6.78 26.08
N ASP E 61 -12.38 7.07 25.84
CA ASP E 61 -13.12 8.01 26.65
C ASP E 61 -13.46 7.37 27.99
N ILE E 62 -14.05 6.17 27.91
CA ILE E 62 -14.50 5.42 29.08
C ILE E 62 -13.30 4.92 29.90
N ILE E 63 -12.25 4.41 29.24
CA ILE E 63 -11.10 3.85 29.96
C ILE E 63 -9.96 4.86 29.96
N LYS E 64 -9.71 5.46 31.12
CA LYS E 64 -8.71 6.50 31.23
C LYS E 64 -7.31 5.89 31.28
N HIS E 65 -7.14 4.68 31.83
CA HIS E 65 -5.82 4.06 31.95
C HIS E 65 -5.84 2.57 31.54
N PRO E 66 -5.64 2.23 30.24
CA PRO E 66 -5.66 0.84 29.78
C PRO E 66 -4.58 -0.05 30.39
N MET E 67 -4.71 -1.39 30.27
CA MET E 67 -3.72 -2.34 30.73
C MET E 67 -3.96 -3.72 30.12
N ASP E 68 -2.85 -4.45 29.91
CA ASP E 68 -2.83 -5.77 29.29
C ASP E 68 -1.59 -6.52 29.77
N MET E 69 -1.63 -7.84 29.65
CA MET E 69 -0.62 -8.71 30.23
C MET E 69 0.80 -8.40 29.75
N SER E 70 0.94 -7.98 28.49
CA SER E 70 2.25 -7.81 27.87
C SER E 70 2.91 -6.54 28.41
N THR E 71 2.14 -5.48 28.57
CA THR E 71 2.61 -4.29 29.27
C THR E 71 3.05 -4.61 30.69
N ILE E 72 2.35 -5.55 31.35
CA ILE E 72 2.72 -5.93 32.70
C ILE E 72 4.03 -6.73 32.68
N LYS E 73 4.18 -7.66 31.72
CA LYS E 73 5.45 -8.37 31.51
C LYS E 73 6.56 -7.33 31.33
N SER E 74 6.30 -6.32 30.48
CA SER E 74 7.18 -5.18 30.26
C SER E 74 7.54 -4.47 31.57
N LYS E 75 6.55 -4.12 32.39
CA LYS E 75 6.78 -3.33 33.60
C LYS E 75 7.56 -4.17 34.62
N LEU E 76 7.43 -5.50 34.54
CA LEU E 76 8.17 -6.40 35.42
C LEU E 76 9.67 -6.37 35.11
N GLU E 77 10.02 -6.59 33.82
CA GLU E 77 11.38 -6.60 33.27
C GLU E 77 12.19 -5.37 33.68
N ALA E 78 11.50 -4.22 33.72
CA ALA E 78 12.09 -2.92 34.02
C ALA E 78 12.02 -2.59 35.52
N ARG E 79 11.82 -3.61 36.37
CA ARG E 79 11.81 -3.44 37.83
C ARG E 79 10.97 -2.22 38.21
N GLU E 80 9.78 -2.08 37.58
CA GLU E 80 8.96 -0.89 37.71
C GLU E 80 7.91 -1.02 38.82
N TYR E 81 7.72 -2.22 39.39
CA TYR E 81 6.75 -2.43 40.47
C TYR E 81 7.48 -2.45 41.82
N ARG E 82 7.16 -1.47 42.69
CA ARG E 82 7.77 -1.35 44.02
C ARG E 82 7.55 -2.63 44.83
N ASP E 83 6.48 -3.39 44.57
CA ASP E 83 6.13 -4.58 45.34
C ASP E 83 5.04 -5.37 44.62
N ALA E 84 4.64 -6.51 45.21
CA ALA E 84 3.66 -7.40 44.58
C ALA E 84 2.26 -6.82 44.64
N GLN E 85 1.99 -5.93 45.61
CA GLN E 85 0.70 -5.27 45.71
C GLN E 85 0.47 -4.44 44.44
N GLU E 86 1.50 -3.70 43.98
CA GLU E 86 1.36 -2.80 42.84
C GLU E 86 1.17 -3.58 41.54
N PHE E 87 1.78 -4.78 41.46
CA PHE E 87 1.61 -5.68 40.33
C PHE E 87 0.17 -6.18 40.25
N GLY E 88 -0.35 -6.63 41.39
CA GLY E 88 -1.72 -7.08 41.48
C GLY E 88 -2.69 -5.98 41.05
N ALA E 89 -2.34 -4.72 41.32
CA ALA E 89 -3.22 -3.59 41.06
C ALA E 89 -3.42 -3.42 39.55
N ASP E 90 -2.36 -3.59 38.75
CA ASP E 90 -2.46 -3.52 37.30
C ASP E 90 -3.28 -4.69 36.75
N VAL E 91 -3.04 -5.89 37.27
CA VAL E 91 -3.77 -7.08 36.82
C VAL E 91 -5.27 -6.88 37.05
N ARG E 92 -5.62 -6.34 38.23
CA ARG E 92 -7.02 -6.09 38.57
C ARG E 92 -7.57 -4.93 37.75
N LEU E 93 -6.72 -3.94 37.48
CA LEU E 93 -7.06 -2.83 36.59
C LEU E 93 -7.44 -3.31 35.18
N MET E 94 -6.59 -4.18 34.63
CA MET E 94 -6.81 -4.80 33.33
C MET E 94 -8.19 -5.45 33.31
N PHE E 95 -8.52 -6.24 34.35
CA PHE E 95 -9.81 -6.90 34.40
C PHE E 95 -10.94 -5.90 34.65
N SER E 96 -10.72 -5.00 35.61
CA SER E 96 -11.66 -3.92 35.91
C SER E 96 -12.05 -3.13 34.65
N ASN E 97 -11.05 -2.79 33.82
CA ASN E 97 -11.31 -2.03 32.61
C ASN E 97 -12.29 -2.82 31.74
N CYS E 98 -12.12 -4.14 31.76
CA CYS E 98 -12.96 -5.02 30.94
C CYS E 98 -14.40 -4.93 31.44
N TYR E 99 -14.52 -4.94 32.78
CA TYR E 99 -15.81 -5.02 33.45
C TYR E 99 -16.52 -3.69 33.31
N LYS E 100 -15.76 -2.58 33.36
CA LYS E 100 -16.30 -1.23 33.20
C LYS E 100 -16.81 -1.02 31.79
N TYR E 101 -16.02 -1.41 30.80
CA TYR E 101 -16.39 -1.15 29.40
C TYR E 101 -17.60 -1.97 28.97
N ASN E 102 -17.78 -3.20 29.50
CA ASN E 102 -18.65 -4.16 28.83
C ASN E 102 -19.82 -4.58 29.72
N PRO E 103 -20.95 -4.97 29.10
CA PRO E 103 -22.11 -5.47 29.83
C PRO E 103 -21.82 -6.85 30.43
N PRO E 104 -22.48 -7.22 31.55
CA PRO E 104 -22.12 -8.43 32.29
C PRO E 104 -22.27 -9.74 31.52
N ASP E 105 -23.21 -9.81 30.58
CA ASP E 105 -23.42 -11.03 29.81
C ASP E 105 -22.47 -11.14 28.62
N HIS E 106 -21.58 -10.14 28.42
CA HIS E 106 -20.68 -10.13 27.27
C HIS E 106 -19.66 -11.27 27.42
N GLU E 107 -19.22 -11.77 26.27
CA GLU E 107 -18.43 -12.99 26.18
C GLU E 107 -17.01 -12.75 26.72
N VAL E 108 -16.41 -11.59 26.41
CA VAL E 108 -15.07 -11.22 26.89
C VAL E 108 -15.04 -11.04 28.40
N VAL E 109 -16.18 -10.65 28.98
CA VAL E 109 -16.36 -10.60 30.43
C VAL E 109 -16.26 -12.01 31.03
N ALA E 110 -16.94 -12.99 30.41
CA ALA E 110 -16.88 -14.39 30.81
C ALA E 110 -15.44 -14.87 30.87
N MET E 111 -14.69 -14.48 29.84
CA MET E 111 -13.30 -14.90 29.65
C MET E 111 -12.43 -14.22 30.69
N ALA E 112 -12.66 -12.91 30.90
CA ALA E 112 -11.92 -12.13 31.88
C ALA E 112 -12.03 -12.78 33.26
N ARG E 113 -13.26 -13.21 33.59
CA ARG E 113 -13.54 -13.79 34.89
C ARG E 113 -12.70 -15.06 35.06
N LYS E 114 -12.80 -15.98 34.08
CA LYS E 114 -12.00 -17.21 34.06
C LYS E 114 -10.50 -16.91 34.21
N LEU E 115 -9.99 -15.89 33.53
CA LEU E 115 -8.58 -15.59 33.71
C LEU E 115 -8.35 -15.04 35.11
N GLN E 116 -9.29 -14.25 35.63
CA GLN E 116 -9.13 -13.70 36.96
C GLN E 116 -9.12 -14.82 38.00
N ASP E 117 -9.82 -15.94 37.69
CA ASP E 117 -9.87 -17.09 38.58
C ASP E 117 -8.43 -17.55 38.85
N VAL E 118 -7.70 -17.72 37.74
CA VAL E 118 -6.30 -18.14 37.76
C VAL E 118 -5.47 -17.17 38.60
N PHE E 119 -5.54 -15.88 38.25
CA PHE E 119 -4.74 -14.87 38.91
C PHE E 119 -4.99 -14.85 40.42
N GLU E 120 -6.27 -14.76 40.84
CA GLU E 120 -6.61 -14.54 42.22
C GLU E 120 -6.12 -15.70 43.09
N MET E 121 -6.26 -16.92 42.56
CA MET E 121 -5.91 -18.14 43.26
C MET E 121 -4.41 -18.18 43.52
N ARG E 122 -3.60 -17.87 42.49
CA ARG E 122 -2.15 -17.93 42.61
C ARG E 122 -1.64 -16.70 43.37
N PHE E 123 -2.29 -15.54 43.18
CA PHE E 123 -1.91 -14.32 43.89
C PHE E 123 -2.15 -14.46 45.39
N ALA E 124 -3.18 -15.26 45.73
CA ALA E 124 -3.59 -15.43 47.11
C ALA E 124 -2.57 -16.25 47.89
N LYS E 125 -1.92 -17.19 47.20
CA LYS E 125 -1.11 -18.21 47.88
C LYS E 125 0.36 -17.79 47.98
N MET E 126 0.72 -16.61 47.46
CA MET E 126 2.11 -16.21 47.55
C MET E 126 2.42 -15.79 48.98
N PRO E 127 3.66 -16.00 49.51
CA PRO E 127 3.95 -15.77 50.92
C PRO E 127 4.20 -14.29 51.27
N ASP E 128 4.02 -13.97 52.55
CA ASP E 128 3.90 -12.60 53.03
C ASP E 128 5.12 -12.25 53.89
N MET F 1 9.43 6.61 -14.40
CA MET F 1 8.87 5.54 -15.26
C MET F 1 8.89 5.99 -16.73
N ASP F 2 7.90 5.52 -17.49
CA ASP F 2 7.80 5.76 -18.93
C ASP F 2 6.67 6.75 -19.19
N VAL F 3 6.73 7.39 -20.36
CA VAL F 3 5.65 8.24 -20.83
C VAL F 3 4.92 7.51 -21.95
N PHE F 4 3.60 7.74 -22.04
CA PHE F 4 2.75 7.14 -23.05
C PHE F 4 2.23 8.24 -23.97
N LEU F 5 2.27 7.98 -25.28
CA LEU F 5 2.23 9.07 -26.25
C LEU F 5 1.30 8.76 -27.40
N MET F 6 0.74 9.84 -27.97
CA MET F 6 0.13 9.87 -29.28
C MET F 6 0.94 10.81 -30.16
N ILE F 7 1.52 10.30 -31.25
CA ILE F 7 2.21 11.14 -32.21
C ILE F 7 1.31 11.33 -33.43
N ARG F 8 0.93 12.57 -33.70
CA ARG F 8 -0.15 12.86 -34.64
C ARG F 8 0.36 13.71 -35.81
N ARG F 9 0.06 13.26 -37.05
CA ARG F 9 0.20 14.06 -38.28
C ARG F 9 -1.03 13.83 -39.16
N HIS F 10 -1.48 14.88 -39.85
CA HIS F 10 -2.69 14.88 -40.68
C HIS F 10 -3.75 14.00 -40.00
N LYS F 11 -4.12 12.87 -40.62
CA LYS F 11 -5.20 12.04 -40.11
C LYS F 11 -4.64 10.79 -39.40
N THR F 12 -3.31 10.63 -39.33
CA THR F 12 -2.75 9.45 -38.67
C THR F 12 -2.23 9.81 -37.28
N THR F 13 -2.10 8.77 -36.43
CA THR F 13 -1.99 8.89 -34.98
C THR F 13 -1.33 7.63 -34.40
N ILE F 14 -0.16 7.79 -33.76
CA ILE F 14 0.64 6.63 -33.33
C ILE F 14 0.59 6.47 -31.82
N PHE F 15 0.26 5.26 -31.38
CA PHE F 15 0.28 4.93 -29.97
C PHE F 15 1.58 4.21 -29.66
N THR F 16 2.41 4.85 -28.82
CA THR F 16 3.74 4.37 -28.51
C THR F 16 4.15 4.83 -27.12
N ASP F 17 4.97 4.02 -26.44
CA ASP F 17 5.52 4.42 -25.15
C ASP F 17 6.99 4.76 -25.34
N ALA F 18 7.57 5.42 -24.33
CA ALA F 18 8.98 5.77 -24.31
C ALA F 18 9.37 6.15 -22.88
N LYS F 19 10.66 6.40 -22.63
CA LYS F 19 11.14 6.81 -21.32
C LYS F 19 11.12 8.34 -21.27
N GLU F 20 10.97 8.89 -20.06
CA GLU F 20 11.04 10.34 -19.91
C GLU F 20 12.52 10.76 -19.96
N SER F 21 13.43 9.80 -19.71
CA SER F 21 14.88 9.96 -19.76
C SER F 21 15.40 10.00 -21.21
N SER F 22 14.79 9.21 -22.10
CA SER F 22 15.21 9.15 -23.49
C SER F 22 14.84 10.46 -24.19
N THR F 23 15.45 10.67 -25.37
CA THR F 23 15.52 11.99 -25.97
C THR F 23 14.53 12.12 -27.14
N VAL F 24 14.54 13.31 -27.76
CA VAL F 24 13.68 13.64 -28.89
C VAL F 24 14.18 12.95 -30.17
N PHE F 25 15.51 12.98 -30.41
CA PHE F 25 16.07 12.31 -31.58
C PHE F 25 15.74 10.82 -31.53
N GLU F 26 15.91 10.21 -30.33
CA GLU F 26 15.68 8.78 -30.13
C GLU F 26 14.22 8.47 -30.46
N LEU F 27 13.34 9.45 -30.19
CA LEU F 27 11.91 9.33 -30.44
C LEU F 27 11.61 9.45 -31.93
N LYS F 28 12.28 10.38 -32.61
CA LYS F 28 12.20 10.48 -34.06
C LYS F 28 12.63 9.16 -34.69
N ARG F 29 13.61 8.46 -34.07
CA ARG F 29 14.15 7.21 -34.56
C ARG F 29 13.14 6.07 -34.38
N ILE F 30 12.21 6.22 -33.42
CA ILE F 30 11.09 5.28 -33.29
C ILE F 30 10.14 5.47 -34.48
N VAL F 31 9.81 6.72 -34.80
CA VAL F 31 8.74 6.99 -35.75
C VAL F 31 9.24 6.70 -37.17
N GLU F 32 10.55 6.84 -37.41
CA GLU F 32 11.18 6.28 -38.61
C GLU F 32 10.82 4.79 -38.70
N GLY F 33 11.20 4.02 -37.67
CA GLY F 33 10.77 2.63 -37.54
C GLY F 33 9.34 2.43 -38.06
N ILE F 34 8.37 3.16 -37.50
CA ILE F 34 6.95 2.90 -37.73
C ILE F 34 6.54 3.42 -39.12
N LEU F 35 6.74 4.72 -39.37
CA LEU F 35 6.17 5.38 -40.55
C LEU F 35 7.17 5.38 -41.73
N LYS F 36 8.42 4.97 -41.50
CA LYS F 36 9.44 4.80 -42.53
C LYS F 36 9.74 6.14 -43.21
N ARG F 37 10.26 7.10 -42.42
CA ARG F 37 10.75 8.38 -42.92
C ARG F 37 11.97 8.78 -42.09
N PRO F 38 13.01 9.43 -42.69
CA PRO F 38 14.26 9.70 -41.98
C PRO F 38 14.07 10.73 -40.85
N PRO F 39 14.79 10.58 -39.71
CA PRO F 39 14.84 11.63 -38.67
C PRO F 39 15.15 13.04 -39.15
N ASP F 40 15.89 13.14 -40.27
CA ASP F 40 16.19 14.42 -40.92
C ASP F 40 14.91 15.12 -41.37
N GLU F 41 13.93 14.35 -41.87
CA GLU F 41 12.73 14.91 -42.47
C GLU F 41 11.59 15.00 -41.45
N GLN F 42 11.92 15.07 -40.15
CA GLN F 42 10.93 15.10 -39.07
C GLN F 42 11.13 16.31 -38.16
N ARG F 43 10.04 17.03 -37.85
CA ARG F 43 9.99 17.97 -36.74
C ARG F 43 8.91 17.52 -35.76
N LEU F 44 9.24 17.56 -34.45
CA LEU F 44 8.30 17.15 -33.41
C LEU F 44 7.95 18.35 -32.54
N TYR F 45 6.66 18.47 -32.17
CA TYR F 45 6.16 19.57 -31.36
C TYR F 45 5.48 19.03 -30.10
N LYS F 46 5.61 19.77 -29.00
CA LYS F 46 4.71 19.65 -27.85
C LYS F 46 3.69 20.78 -27.91
N ASP F 47 2.43 20.42 -28.16
CA ASP F 47 1.34 21.38 -28.28
C ASP F 47 1.51 22.06 -29.64
N ASP F 48 2.18 23.21 -29.68
CA ASP F 48 2.35 23.98 -30.91
C ASP F 48 3.75 24.62 -30.94
N GLN F 49 4.68 24.06 -30.16
CA GLN F 49 6.02 24.63 -30.01
C GLN F 49 7.09 23.57 -30.23
N LEU F 50 8.01 23.88 -31.16
CA LEU F 50 9.00 22.95 -31.70
C LEU F 50 9.96 22.49 -30.60
N LEU F 51 10.45 21.25 -30.75
CA LEU F 51 11.27 20.60 -29.75
C LEU F 51 12.69 20.43 -30.29
N ASP F 52 13.69 20.88 -29.53
CA ASP F 52 15.09 20.64 -29.84
C ASP F 52 15.34 19.13 -29.83
N ASP F 53 16.11 18.66 -30.82
CA ASP F 53 16.46 17.25 -30.99
C ASP F 53 17.18 16.70 -29.75
N GLY F 54 17.90 17.56 -29.03
CA GLY F 54 18.70 17.15 -27.88
C GLY F 54 17.90 17.03 -26.58
N LYS F 55 16.81 17.81 -26.46
CA LYS F 55 16.07 17.93 -25.20
C LYS F 55 15.45 16.58 -24.82
N THR F 56 15.53 16.21 -23.52
CA THR F 56 14.94 14.97 -23.02
C THR F 56 13.44 15.19 -22.86
N LEU F 57 12.66 14.11 -22.96
CA LEU F 57 11.21 14.21 -22.96
C LEU F 57 10.71 14.81 -21.64
N GLY F 58 11.34 14.41 -20.53
CA GLY F 58 11.02 14.95 -19.21
C GLY F 58 11.22 16.45 -19.12
N GLU F 59 12.38 16.93 -19.60
CA GLU F 59 12.72 18.34 -19.67
C GLU F 59 11.69 19.10 -20.53
N CYS F 60 11.19 18.48 -21.60
CA CYS F 60 10.19 19.10 -22.47
C CYS F 60 8.84 19.25 -21.76
N GLY F 61 8.65 18.54 -20.64
CA GLY F 61 7.43 18.63 -19.85
C GLY F 61 6.56 17.38 -19.92
N PHE F 62 7.11 16.28 -20.48
CA PHE F 62 6.41 15.01 -20.54
C PHE F 62 6.81 14.18 -19.33
N THR F 63 5.86 14.00 -18.40
CA THR F 63 6.08 13.22 -17.19
C THR F 63 5.22 11.96 -17.24
N SER F 64 5.57 11.01 -16.36
CA SER F 64 4.74 9.84 -16.12
C SER F 64 3.33 10.28 -15.72
N GLN F 65 3.25 11.38 -14.97
CA GLN F 65 1.98 11.87 -14.45
C GLN F 65 1.16 12.51 -15.57
N THR F 66 1.78 13.26 -16.48
CA THR F 66 1.05 13.94 -17.54
C THR F 66 0.87 13.09 -18.79
N ALA F 67 1.53 11.92 -18.87
CA ALA F 67 1.51 11.10 -20.08
C ALA F 67 1.24 9.64 -19.69
N ARG F 68 -0.03 9.37 -19.37
CA ARG F 68 -0.42 8.11 -18.79
C ARG F 68 -0.91 7.16 -19.90
N PRO F 69 -0.98 5.83 -19.65
CA PRO F 69 -1.49 4.88 -20.65
C PRO F 69 -2.89 5.22 -21.13
N GLN F 70 -3.79 5.41 -20.16
CA GLN F 70 -5.21 5.69 -20.38
C GLN F 70 -5.43 7.15 -20.80
N ALA F 71 -4.38 7.99 -20.64
CA ALA F 71 -4.45 9.41 -21.00
C ALA F 71 -3.11 9.85 -21.57
N PRO F 72 -2.75 9.40 -22.78
CA PRO F 72 -1.44 9.71 -23.37
C PRO F 72 -1.30 11.16 -23.85
N ALA F 73 -0.08 11.69 -23.71
CA ALA F 73 0.24 13.03 -24.13
C ALA F 73 0.45 13.03 -25.65
N THR F 74 0.14 14.17 -26.30
CA THR F 74 0.15 14.29 -27.75
C THR F 74 1.43 15.00 -28.23
N VAL F 75 2.18 14.30 -29.07
CA VAL F 75 3.29 14.88 -29.80
C VAL F 75 2.82 15.22 -31.21
N GLY F 76 3.02 16.49 -31.63
CA GLY F 76 2.79 16.90 -33.00
C GLY F 76 3.93 16.46 -33.91
N LEU F 77 3.61 16.25 -35.20
CA LEU F 77 4.61 15.86 -36.18
C LEU F 77 4.42 16.63 -37.49
N ALA F 78 5.54 17.11 -38.05
CA ALA F 78 5.59 17.68 -39.38
C ALA F 78 6.64 16.94 -40.22
N PHE F 79 6.42 16.93 -41.54
CA PHE F 79 7.33 16.31 -42.49
C PHE F 79 7.88 17.32 -43.48
N ARG F 80 9.17 17.17 -43.82
CA ARG F 80 9.73 17.81 -45.00
C ARG F 80 9.24 17.03 -46.21
N ALA F 81 8.84 17.78 -47.25
CA ALA F 81 8.71 17.27 -48.60
C ALA F 81 9.26 18.35 -49.53
N ASP F 82 10.04 17.92 -50.53
CA ASP F 82 10.70 18.84 -51.43
C ASP F 82 11.55 19.84 -50.63
N ASP F 83 12.33 19.31 -49.67
CA ASP F 83 13.39 20.05 -49.00
C ASP F 83 12.85 21.29 -48.26
N THR F 84 11.58 21.26 -47.83
CA THR F 84 11.05 22.24 -46.90
C THR F 84 10.01 21.57 -45.99
N PHE F 85 10.04 21.91 -44.70
CA PHE F 85 9.05 21.42 -43.75
C PHE F 85 7.71 22.11 -44.02
N GLU F 86 6.64 21.30 -44.07
CA GLU F 86 5.28 21.81 -44.09
C GLU F 86 4.96 22.39 -42.71
N ALA F 87 3.86 23.14 -42.62
CA ALA F 87 3.30 23.54 -41.33
C ALA F 87 2.61 22.32 -40.70
N LEU F 88 2.59 22.26 -39.35
CA LEU F 88 2.06 21.10 -38.63
C LEU F 88 0.53 21.15 -38.61
N CYS F 89 -0.11 20.28 -39.41
CA CYS F 89 -1.55 20.11 -39.38
C CYS F 89 -1.94 18.81 -38.65
N ILE F 90 -2.82 18.91 -37.65
CA ILE F 90 -3.38 17.74 -37.01
C ILE F 90 -4.92 17.82 -37.06
N GLU F 91 -5.49 16.98 -37.93
CA GLU F 91 -6.93 16.76 -38.03
C GLU F 91 -7.51 16.38 -36.65
N PRO F 92 -8.53 17.10 -36.12
CA PRO F 92 -9.20 16.67 -34.88
C PRO F 92 -10.05 15.42 -35.09
N PHE F 93 -10.34 14.70 -33.99
CA PHE F 93 -11.23 13.56 -34.05
C PHE F 93 -12.68 14.03 -34.19
N SER F 94 -13.58 13.10 -34.52
CA SER F 94 -15.01 13.39 -34.49
C SER F 94 -15.42 13.88 -33.10
N SER F 95 -16.56 14.57 -33.05
CA SER F 95 -17.16 14.95 -31.79
C SER F 95 -18.27 13.97 -31.43
N PRO F 96 -18.54 13.74 -30.13
CA PRO F 96 -19.68 12.92 -29.71
C PRO F 96 -20.99 13.70 -29.81
N PRO F 97 -22.16 13.03 -29.89
CA PRO F 97 -23.45 13.72 -29.75
C PRO F 97 -23.55 14.45 -28.41
N GLU F 98 -24.46 15.44 -28.36
CA GLU F 98 -24.83 16.07 -27.10
C GLU F 98 -25.33 14.97 -26.16
N LEU F 99 -24.98 15.09 -24.88
CA LEU F 99 -25.35 14.11 -23.88
C LEU F 99 -26.86 13.86 -23.92
N PRO F 100 -27.33 12.59 -23.97
CA PRO F 100 -28.75 12.28 -23.80
C PRO F 100 -29.41 12.97 -22.60
N ASP F 101 -30.75 12.98 -22.61
CA ASP F 101 -31.54 13.67 -21.61
C ASP F 101 -31.59 12.84 -20.33
N VAL F 102 -31.53 11.51 -20.46
CA VAL F 102 -31.59 10.59 -19.33
C VAL F 102 -30.32 10.71 -18.48
N MET F 103 -29.20 11.02 -19.14
CA MET F 103 -27.92 11.01 -18.47
C MET F 103 -27.64 12.39 -17.85
N LYS F 104 -28.37 13.41 -18.31
CA LYS F 104 -28.23 14.77 -17.80
C LYS F 104 -29.12 14.94 -16.57
N MET G 2 5.93 -5.65 -33.68
CA MET G 2 5.26 -5.17 -34.91
C MET G 2 4.08 -4.27 -34.55
N TYR G 3 3.44 -3.69 -35.57
CA TYR G 3 2.33 -2.77 -35.39
C TYR G 3 1.18 -3.14 -36.31
N VAL G 4 0.03 -2.47 -36.09
CA VAL G 4 -1.13 -2.60 -36.95
C VAL G 4 -1.78 -1.22 -37.09
N LYS G 5 -2.51 -1.05 -38.20
CA LYS G 5 -3.18 0.19 -38.52
C LYS G 5 -4.67 -0.05 -38.30
N LEU G 6 -5.32 0.87 -37.57
CA LEU G 6 -6.73 0.76 -37.25
C LEU G 6 -7.43 1.99 -37.81
N ILE G 7 -8.34 1.78 -38.76
CA ILE G 7 -8.97 2.88 -39.47
C ILE G 7 -10.39 3.02 -38.93
N SER G 8 -10.72 4.26 -38.53
CA SER G 8 -12.02 4.57 -37.97
C SER G 8 -13.05 4.75 -39.10
N SER G 9 -14.32 4.96 -38.70
CA SER G 9 -15.39 5.38 -39.60
C SER G 9 -14.97 6.56 -40.49
N ASP G 10 -14.45 7.60 -39.85
CA ASP G 10 -14.16 8.87 -40.50
C ASP G 10 -12.73 8.87 -41.04
N GLY G 11 -12.18 7.68 -41.29
CA GLY G 11 -10.91 7.53 -41.98
C GLY G 11 -9.76 8.18 -41.22
N HIS G 12 -9.71 7.93 -39.91
CA HIS G 12 -8.52 8.19 -39.11
C HIS G 12 -7.77 6.88 -38.99
N GLU G 13 -6.43 6.96 -39.12
CA GLU G 13 -5.53 5.82 -38.93
C GLU G 13 -4.86 5.91 -37.57
N PHE G 14 -5.01 4.83 -36.81
CA PHE G 14 -4.40 4.68 -35.51
C PHE G 14 -3.42 3.51 -35.63
N ILE G 15 -2.13 3.77 -35.44
CA ILE G 15 -1.14 2.70 -35.55
C ILE G 15 -0.76 2.33 -34.11
N VAL G 16 -0.90 1.03 -33.77
CA VAL G 16 -0.80 0.57 -32.40
C VAL G 16 0.00 -0.74 -32.39
N LYS G 17 0.82 -0.94 -31.35
CA LYS G 17 1.61 -2.16 -31.21
C LYS G 17 0.67 -3.37 -31.37
N ARG G 18 1.07 -4.33 -32.21
CA ARG G 18 0.22 -5.46 -32.55
C ARG G 18 -0.32 -6.10 -31.27
N GLU G 19 0.61 -6.40 -30.35
CA GLU G 19 0.32 -7.03 -29.07
C GLU G 19 -0.83 -6.33 -28.34
N HIS G 20 -0.83 -5.00 -28.38
CA HIS G 20 -1.86 -4.20 -27.72
C HIS G 20 -3.23 -4.49 -28.34
N ALA G 21 -3.30 -4.43 -29.67
CA ALA G 21 -4.55 -4.59 -30.42
C ALA G 21 -5.19 -5.95 -30.17
N LEU G 22 -4.37 -6.96 -29.80
CA LEU G 22 -4.84 -8.31 -29.63
C LEU G 22 -5.75 -8.41 -28.40
N THR G 23 -5.63 -7.42 -27.51
CA THR G 23 -6.57 -7.24 -26.42
C THR G 23 -8.01 -7.51 -26.90
N SER G 24 -8.31 -7.16 -28.16
CA SER G 24 -9.63 -7.38 -28.74
C SER G 24 -9.79 -8.83 -29.18
N GLY G 25 -10.85 -9.48 -28.67
CA GLY G 25 -11.24 -10.80 -29.13
C GLY G 25 -11.67 -10.79 -30.59
N THR G 26 -12.37 -9.71 -30.97
CA THR G 26 -12.81 -9.47 -32.35
C THR G 26 -11.61 -9.32 -33.28
N ILE G 27 -10.60 -8.53 -32.89
CA ILE G 27 -9.43 -8.29 -33.74
C ILE G 27 -8.54 -9.53 -33.75
N LYS G 28 -8.44 -10.28 -32.64
CA LYS G 28 -7.72 -11.54 -32.64
C LYS G 28 -8.13 -12.38 -33.86
N ALA G 29 -9.45 -12.43 -34.12
CA ALA G 29 -10.00 -13.19 -35.23
C ALA G 29 -9.62 -12.56 -36.58
N MET G 30 -9.77 -11.24 -36.70
CA MET G 30 -9.57 -10.47 -37.92
C MET G 30 -8.13 -10.59 -38.45
N LEU G 31 -7.14 -10.64 -37.53
CA LEU G 31 -5.74 -10.52 -37.91
C LEU G 31 -5.13 -11.89 -38.21
N SER G 32 -5.52 -12.93 -37.46
CA SER G 32 -4.99 -14.28 -37.64
C SER G 32 -4.63 -14.58 -39.11
N ASN G 43 -2.91 -7.40 -41.33
CA ASN G 43 -1.94 -6.34 -40.98
C ASN G 43 -2.61 -4.96 -40.94
N GLU G 44 -3.90 -4.89 -41.31
CA GLU G 44 -4.63 -3.63 -41.36
C GLU G 44 -6.11 -3.94 -41.13
N VAL G 45 -6.83 -3.09 -40.37
CA VAL G 45 -8.21 -3.41 -40.01
C VAL G 45 -9.09 -2.15 -40.03
N ASN G 46 -10.15 -2.19 -40.85
CA ASN G 46 -11.06 -1.06 -41.01
C ASN G 46 -12.25 -1.30 -40.09
N PHE G 47 -12.86 -0.21 -39.61
CA PHE G 47 -14.04 -0.24 -38.75
C PHE G 47 -15.10 0.68 -39.34
N ARG G 48 -16.11 0.06 -39.97
CA ARG G 48 -17.18 0.80 -40.63
C ARG G 48 -17.94 1.60 -39.56
N GLU G 49 -17.99 1.08 -38.33
CA GLU G 49 -18.92 1.58 -37.31
C GLU G 49 -18.30 2.66 -36.40
N ILE G 50 -17.07 2.45 -35.95
CA ILE G 50 -16.51 3.19 -34.82
C ILE G 50 -15.79 4.46 -35.28
N PRO G 51 -16.22 5.67 -34.84
CA PRO G 51 -15.53 6.93 -35.20
C PRO G 51 -14.22 7.16 -34.45
N SER G 52 -13.42 8.10 -34.97
CA SER G 52 -12.08 8.38 -34.47
C SER G 52 -12.08 8.57 -32.95
N HIS G 53 -13.06 9.34 -32.45
CA HIS G 53 -13.07 9.74 -31.06
C HIS G 53 -13.28 8.52 -30.17
N VAL G 54 -13.98 7.49 -30.69
CA VAL G 54 -14.20 6.27 -29.93
C VAL G 54 -12.98 5.37 -30.05
N LEU G 55 -12.50 5.17 -31.28
CA LEU G 55 -11.39 4.26 -31.53
C LEU G 55 -10.13 4.72 -30.80
N SER G 56 -9.89 6.04 -30.70
CA SER G 56 -8.73 6.52 -29.96
C SER G 56 -8.84 6.08 -28.50
N LYS G 57 -10.02 6.29 -27.91
CA LYS G 57 -10.31 5.94 -26.52
C LYS G 57 -10.24 4.43 -26.34
N VAL G 58 -10.59 3.69 -27.40
CA VAL G 58 -10.41 2.25 -27.38
C VAL G 58 -8.93 1.92 -27.27
N CYS G 59 -8.11 2.54 -28.11
CA CYS G 59 -6.68 2.24 -28.18
C CYS G 59 -6.02 2.52 -26.83
N MET G 60 -6.45 3.64 -26.22
CA MET G 60 -6.02 3.99 -24.87
C MET G 60 -6.33 2.83 -23.91
N TYR G 61 -7.44 2.12 -24.14
CA TYR G 61 -7.77 0.99 -23.29
C TYR G 61 -6.74 -0.13 -23.44
N PHE G 62 -6.43 -0.47 -24.70
CA PHE G 62 -5.45 -1.50 -25.01
C PHE G 62 -4.14 -1.24 -24.27
N THR G 63 -3.65 0.00 -24.37
CA THR G 63 -2.41 0.43 -23.71
C THR G 63 -2.48 0.16 -22.21
N TYR G 64 -3.62 0.61 -21.64
CA TYR G 64 -3.92 0.51 -20.22
C TYR G 64 -3.92 -0.95 -19.81
N LYS G 65 -4.63 -1.78 -20.58
CA LYS G 65 -4.81 -3.18 -20.21
C LYS G 65 -3.46 -3.89 -20.13
N VAL G 66 -2.66 -3.74 -21.19
CA VAL G 66 -1.36 -4.40 -21.29
C VAL G 66 -0.42 -3.87 -20.21
N ARG G 67 -0.41 -2.55 -20.02
CA ARG G 67 0.46 -1.93 -19.03
C ARG G 67 0.14 -2.48 -17.64
N TYR G 68 -1.15 -2.67 -17.37
CA TYR G 68 -1.59 -2.81 -15.99
C TYR G 68 -1.97 -4.24 -15.66
N THR G 69 -2.28 -5.09 -16.65
CA THR G 69 -2.52 -6.51 -16.37
C THR G 69 -1.24 -7.10 -15.77
N ASN G 70 -1.38 -7.79 -14.63
CA ASN G 70 -0.25 -8.38 -13.92
C ASN G 70 0.82 -7.34 -13.57
N SER G 71 0.41 -6.12 -13.21
CA SER G 71 1.34 -5.01 -13.13
C SER G 71 2.14 -5.05 -11.83
N SER G 72 3.19 -4.24 -11.81
CA SER G 72 4.09 -4.08 -10.67
C SER G 72 3.84 -2.76 -9.94
N THR G 73 2.63 -2.21 -10.12
CA THR G 73 2.24 -0.91 -9.60
C THR G 73 0.73 -0.91 -9.38
N GLU G 74 0.27 0.08 -8.59
CA GLU G 74 -1.11 0.25 -8.21
C GLU G 74 -1.89 0.69 -9.46
N ILE G 75 -3.13 0.18 -9.59
CA ILE G 75 -3.93 0.31 -10.79
C ILE G 75 -4.82 1.55 -10.70
N PRO G 76 -4.71 2.52 -11.64
CA PRO G 76 -5.61 3.66 -11.68
C PRO G 76 -6.94 3.28 -12.34
N GLU G 77 -7.95 4.15 -12.18
CA GLU G 77 -9.24 3.99 -12.83
C GLU G 77 -9.11 4.31 -14.33
N PHE G 78 -9.76 3.50 -15.17
CA PHE G 78 -9.86 3.83 -16.58
C PHE G 78 -11.04 4.76 -16.75
N PRO G 79 -10.78 6.05 -17.10
CA PRO G 79 -11.83 7.07 -17.12
C PRO G 79 -12.65 7.10 -18.41
N ILE G 80 -13.95 7.43 -18.28
CA ILE G 80 -14.85 7.55 -19.41
C ILE G 80 -15.76 8.75 -19.20
N ALA G 81 -15.56 9.81 -20.00
CA ALA G 81 -16.46 10.95 -20.03
C ALA G 81 -17.89 10.47 -20.36
N PRO G 82 -18.94 11.07 -19.75
CA PRO G 82 -20.34 10.72 -20.09
C PRO G 82 -20.72 10.67 -21.57
N GLU G 83 -20.10 11.56 -22.38
CA GLU G 83 -20.38 11.69 -23.80
C GLU G 83 -19.96 10.44 -24.60
N ILE G 84 -18.82 9.84 -24.21
CA ILE G 84 -18.27 8.70 -24.93
C ILE G 84 -18.90 7.41 -24.40
N ALA G 85 -19.41 7.43 -23.16
CA ALA G 85 -19.86 6.21 -22.48
C ALA G 85 -20.65 5.30 -23.41
N LEU G 86 -21.71 5.84 -24.04
CA LEU G 86 -22.64 5.03 -24.82
C LEU G 86 -21.90 4.44 -26.01
N GLU G 87 -21.30 5.31 -26.82
CA GLU G 87 -20.59 4.88 -28.01
C GLU G 87 -19.51 3.86 -27.63
N LEU G 88 -18.81 4.13 -26.53
CA LEU G 88 -17.66 3.32 -26.15
C LEU G 88 -18.13 1.93 -25.74
N LEU G 89 -19.30 1.88 -25.12
CA LEU G 89 -19.89 0.60 -24.72
C LEU G 89 -20.16 -0.23 -25.98
N MET G 90 -20.86 0.37 -26.96
CA MET G 90 -21.13 -0.26 -28.24
C MET G 90 -19.82 -0.78 -28.84
N ALA G 91 -18.82 0.10 -28.90
CA ALA G 91 -17.50 -0.26 -29.38
C ALA G 91 -16.98 -1.48 -28.63
N ALA G 92 -16.80 -1.32 -27.31
CA ALA G 92 -16.25 -2.37 -26.46
C ALA G 92 -17.01 -3.67 -26.69
N ASN G 93 -18.33 -3.56 -26.76
CA ASN G 93 -19.21 -4.68 -27.03
C ASN G 93 -18.82 -5.38 -28.34
N PHE G 94 -18.71 -4.60 -29.42
CA PHE G 94 -18.38 -5.14 -30.73
C PHE G 94 -16.99 -5.79 -30.76
N LEU G 95 -16.03 -5.25 -30.00
CA LEU G 95 -14.64 -5.67 -30.13
C LEU G 95 -14.28 -6.80 -29.17
N ASP G 96 -15.20 -7.12 -28.24
CA ASP G 96 -15.00 -8.15 -27.23
C ASP G 96 -13.69 -7.91 -26.47
N CYS G 97 -13.61 -6.79 -25.75
CA CYS G 97 -12.42 -6.41 -25.00
C CYS G 97 -12.84 -5.76 -23.68
N PRO H 10 -22.44 -25.66 2.16
CA PRO H 10 -21.88 -24.29 2.07
C PRO H 10 -20.36 -24.31 2.01
N VAL H 11 -19.79 -24.40 0.80
CA VAL H 11 -18.37 -24.63 0.62
C VAL H 11 -17.61 -23.34 0.92
N LEU H 12 -18.19 -22.21 0.49
CA LEU H 12 -17.62 -20.88 0.69
C LEU H 12 -18.21 -20.22 1.94
N ARG H 13 -17.57 -20.52 3.08
CA ARG H 13 -17.99 -20.07 4.40
C ARG H 13 -16.74 -19.91 5.27
N SER H 14 -16.88 -19.21 6.40
CA SER H 14 -15.78 -19.10 7.33
C SER H 14 -15.77 -20.34 8.25
N VAL H 15 -14.56 -20.87 8.47
CA VAL H 15 -14.31 -21.86 9.49
C VAL H 15 -14.34 -21.14 10.84
N ASN H 16 -15.07 -21.71 11.82
CA ASN H 16 -15.15 -21.11 13.14
C ASN H 16 -13.95 -21.57 13.96
N SER H 17 -12.76 -21.05 13.61
CA SER H 17 -11.52 -21.48 14.24
C SER H 17 -11.41 -20.90 15.66
N ARG H 18 -12.02 -19.73 15.88
CA ARG H 18 -11.93 -19.03 17.14
C ARG H 18 -10.47 -18.73 17.51
N GLU H 19 -9.60 -18.52 16.51
CA GLU H 19 -8.21 -18.19 16.77
C GLU H 19 -7.87 -16.86 16.10
N PRO H 20 -7.56 -15.81 16.90
CA PRO H 20 -7.48 -14.44 16.38
C PRO H 20 -6.37 -14.29 15.35
N SER H 21 -6.62 -13.42 14.35
CA SER H 21 -5.56 -12.91 13.48
C SER H 21 -5.79 -11.43 13.23
N GLN H 22 -4.76 -10.65 13.60
CA GLN H 22 -4.69 -9.24 13.25
C GLN H 22 -4.44 -9.15 11.75
N VAL H 23 -5.39 -8.52 11.02
CA VAL H 23 -5.26 -8.31 9.60
C VAL H 23 -5.25 -6.80 9.33
N ILE H 24 -4.64 -6.37 8.21
CA ILE H 24 -4.63 -4.99 7.77
C ILE H 24 -5.31 -4.90 6.41
N PHE H 25 -6.39 -4.13 6.37
CA PHE H 25 -7.05 -3.80 5.12
C PHE H 25 -6.41 -2.53 4.59
N CYS H 26 -5.82 -2.59 3.38
CA CYS H 26 -5.39 -1.38 2.69
C CYS H 26 -6.24 -1.16 1.45
N ASN H 27 -6.92 0.00 1.40
CA ASN H 27 -7.75 0.33 0.26
C ASN H 27 -6.92 1.14 -0.73
N ARG H 28 -6.25 0.42 -1.65
CA ARG H 28 -5.47 1.04 -2.72
C ARG H 28 -6.28 1.06 -4.01
N SER H 29 -7.57 1.39 -3.84
CA SER H 29 -8.47 1.61 -4.94
C SER H 29 -8.93 3.05 -4.83
N PRO H 30 -9.43 3.64 -5.94
CA PRO H 30 -10.05 4.96 -5.90
C PRO H 30 -11.51 4.94 -5.40
N ARG H 31 -12.00 3.72 -5.14
CA ARG H 31 -13.37 3.48 -4.70
C ARG H 31 -13.46 3.42 -3.18
N VAL H 32 -14.67 3.70 -2.68
CA VAL H 32 -15.05 3.34 -1.33
C VAL H 32 -15.26 1.83 -1.27
N VAL H 33 -14.59 1.19 -0.31
CA VAL H 33 -14.59 -0.26 -0.23
C VAL H 33 -15.49 -0.70 0.92
N LEU H 34 -16.39 -1.63 0.60
CA LEU H 34 -17.11 -2.41 1.61
C LEU H 34 -16.43 -3.77 1.74
N PRO H 35 -15.80 -4.09 2.88
CA PRO H 35 -15.32 -5.46 3.14
C PRO H 35 -16.53 -6.31 3.51
N VAL H 36 -16.61 -7.55 2.98
CA VAL H 36 -17.73 -8.41 3.30
C VAL H 36 -17.21 -9.74 3.82
N TRP H 37 -17.65 -10.05 5.04
CA TRP H 37 -17.28 -11.27 5.73
C TRP H 37 -18.32 -12.34 5.43
N LEU H 38 -17.85 -13.54 5.10
CA LEU H 38 -18.71 -14.69 4.88
C LEU H 38 -18.82 -15.44 6.21
N ASN H 39 -20.02 -15.42 6.81
CA ASN H 39 -20.20 -15.99 8.15
C ASN H 39 -20.06 -17.51 8.04
N PHE H 40 -20.34 -18.19 9.16
CA PHE H 40 -20.04 -19.60 9.28
C PHE H 40 -20.94 -20.41 8.35
N ASP H 41 -22.10 -19.84 8.01
CA ASP H 41 -23.02 -20.41 7.04
C ASP H 41 -22.71 -19.89 5.63
N GLY H 42 -21.75 -18.97 5.51
CA GLY H 42 -21.32 -18.46 4.21
C GLY H 42 -22.23 -17.36 3.67
N GLU H 43 -23.04 -16.75 4.54
CA GLU H 43 -23.86 -15.62 4.14
C GLU H 43 -23.05 -14.34 4.32
N PRO H 44 -23.07 -13.42 3.33
CA PRO H 44 -22.24 -12.23 3.36
C PRO H 44 -22.71 -11.22 4.40
N GLN H 45 -21.78 -10.81 5.27
CA GLN H 45 -22.03 -9.82 6.32
C GLN H 45 -21.17 -8.58 6.06
N PRO H 46 -21.77 -7.38 5.87
CA PRO H 46 -21.01 -6.13 5.64
C PRO H 46 -20.19 -5.67 6.83
N TYR H 47 -19.03 -5.06 6.55
CA TYR H 47 -18.29 -4.36 7.57
C TYR H 47 -18.09 -2.91 7.13
N PRO H 48 -17.59 -2.04 8.03
CA PRO H 48 -17.51 -0.62 7.74
C PRO H 48 -16.51 -0.33 6.62
N THR H 49 -16.88 0.69 5.84
CA THR H 49 -16.19 1.02 4.61
C THR H 49 -14.83 1.65 4.90
N LEU H 50 -13.89 1.39 3.99
CA LEU H 50 -12.69 2.19 3.90
C LEU H 50 -12.86 3.20 2.76
N PRO H 51 -12.55 4.48 3.01
CA PRO H 51 -12.37 5.44 1.94
C PRO H 51 -11.17 5.04 1.07
N PRO H 52 -11.07 5.57 -0.17
CA PRO H 52 -9.89 5.33 -1.02
C PRO H 52 -8.62 5.78 -0.30
N GLY H 53 -7.55 4.99 -0.46
CA GLY H 53 -6.25 5.36 0.07
C GLY H 53 -6.06 4.89 1.51
N THR H 54 -7.15 4.77 2.28
CA THR H 54 -7.04 4.55 3.71
C THR H 54 -6.69 3.09 4.02
N GLY H 55 -6.03 2.91 5.16
CA GLY H 55 -5.79 1.58 5.72
C GLY H 55 -6.29 1.51 7.16
N ARG H 56 -6.81 0.34 7.55
CA ARG H 56 -7.29 0.09 8.90
C ARG H 56 -6.92 -1.35 9.28
N ARG H 57 -6.51 -1.57 10.54
CA ARG H 57 -6.47 -2.91 11.09
C ARG H 57 -7.88 -3.44 11.38
N ILE H 58 -7.97 -4.76 11.34
CA ILE H 58 -9.18 -5.43 11.76
C ILE H 58 -8.81 -6.73 12.46
N HIS H 59 -9.49 -6.97 13.58
CA HIS H 59 -9.36 -8.20 14.33
C HIS H 59 -10.22 -9.26 13.67
N SER H 60 -9.60 -10.26 13.05
CA SER H 60 -10.34 -11.36 12.45
C SER H 60 -9.77 -12.65 13.01
N TYR H 61 -10.14 -13.80 12.42
CA TYR H 61 -9.70 -15.09 12.92
C TYR H 61 -9.21 -15.98 11.76
N ARG H 62 -8.34 -16.93 12.08
CA ARG H 62 -7.83 -17.93 11.15
C ARG H 62 -9.01 -18.53 10.38
N GLY H 63 -8.93 -18.57 9.05
CA GLY H 63 -9.87 -19.32 8.25
C GLY H 63 -11.20 -18.60 8.02
N HIS H 64 -11.16 -17.27 8.01
CA HIS H 64 -12.36 -16.46 7.87
C HIS H 64 -12.34 -15.82 6.49
N LEU H 65 -13.38 -16.08 5.69
CA LEU H 65 -13.39 -15.75 4.27
C LEU H 65 -13.89 -14.32 4.06
N TRP H 66 -13.07 -13.56 3.34
CA TRP H 66 -13.31 -12.15 3.08
C TRP H 66 -13.42 -11.90 1.58
N LEU H 67 -14.23 -10.91 1.21
CA LEU H 67 -14.06 -10.25 -0.07
C LEU H 67 -14.56 -8.80 0.01
N PHE H 68 -14.26 -8.04 -1.05
CA PHE H 68 -14.27 -6.59 -1.02
C PHE H 68 -14.95 -6.04 -2.26
N ARG H 69 -15.92 -5.15 -2.05
CA ARG H 69 -16.72 -4.60 -3.12
C ARG H 69 -16.77 -3.07 -2.99
N ASP H 70 -16.99 -2.40 -4.14
CA ASP H 70 -17.42 -1.02 -4.14
C ASP H 70 -18.64 -0.93 -3.23
N ALA H 71 -18.60 0.01 -2.27
CA ALA H 71 -19.66 0.18 -1.30
C ALA H 71 -20.89 0.80 -1.96
N GLY H 72 -20.68 1.55 -3.04
CA GLY H 72 -21.75 2.24 -3.75
C GLY H 72 -22.47 1.35 -4.77
N THR H 73 -21.73 0.44 -5.40
CA THR H 73 -22.19 -0.22 -6.62
C THR H 73 -21.94 -1.73 -6.59
N HIS H 74 -21.28 -2.23 -5.55
CA HIS H 74 -21.05 -3.65 -5.40
C HIS H 74 -20.17 -4.23 -6.52
N ASP H 75 -19.37 -3.37 -7.18
CA ASP H 75 -18.35 -3.82 -8.11
C ASP H 75 -17.34 -4.72 -7.37
N GLY H 76 -16.89 -5.80 -8.02
CA GLY H 76 -15.87 -6.67 -7.45
C GLY H 76 -14.49 -6.02 -7.45
N LEU H 77 -13.71 -6.27 -6.39
CA LEU H 77 -12.36 -5.74 -6.26
C LEU H 77 -11.39 -6.84 -5.87
N LEU H 78 -10.11 -6.64 -6.17
CA LEU H 78 -9.08 -7.63 -5.92
C LEU H 78 -8.46 -7.42 -4.54
N VAL H 79 -8.04 -8.53 -3.95
CA VAL H 79 -7.32 -8.50 -2.69
C VAL H 79 -6.16 -9.47 -2.78
N ASN H 80 -4.94 -8.89 -2.78
CA ASN H 80 -3.73 -9.66 -2.99
C ASN H 80 -3.88 -10.36 -4.35
N GLN H 81 -4.30 -9.56 -5.34
CA GLN H 81 -4.46 -9.95 -6.74
C GLN H 81 -5.43 -11.12 -6.91
N THR H 82 -6.35 -11.33 -5.96
CA THR H 82 -7.29 -12.43 -6.03
C THR H 82 -8.67 -11.97 -5.58
N GLU H 83 -9.66 -12.85 -5.78
CA GLU H 83 -11.07 -12.62 -5.49
C GLU H 83 -11.34 -12.67 -3.99
N LEU H 84 -10.72 -13.65 -3.30
CA LEU H 84 -11.02 -13.93 -1.90
C LEU H 84 -9.78 -13.69 -1.06
N PHE H 85 -10.05 -13.50 0.23
CA PHE H 85 -8.99 -13.37 1.20
C PHE H 85 -9.33 -14.20 2.43
N VAL H 86 -8.38 -15.06 2.83
CA VAL H 86 -8.47 -15.83 4.06
C VAL H 86 -7.13 -15.73 4.80
N PRO H 87 -7.12 -15.08 5.98
CA PRO H 87 -5.87 -14.93 6.72
C PRO H 87 -5.35 -16.27 7.24
N SER H 88 -4.03 -16.44 7.09
CA SER H 88 -3.27 -17.44 7.83
C SER H 88 -3.35 -17.17 9.33
N LEU H 89 -2.65 -17.99 10.10
CA LEU H 89 -2.44 -17.71 11.52
C LEU H 89 -1.23 -16.78 11.63
N ASN H 90 -1.34 -15.78 12.50
CA ASN H 90 -0.30 -14.79 12.71
C ASN H 90 0.98 -15.55 13.08
N VAL H 91 2.07 -15.31 12.33
CA VAL H 91 3.34 -15.93 12.67
C VAL H 91 4.05 -15.00 13.65
N ASP H 92 4.07 -15.40 14.94
CA ASP H 92 4.69 -14.64 16.02
C ASP H 92 4.05 -13.25 16.12
N GLY H 93 2.70 -13.19 16.01
CA GLY H 93 1.95 -11.95 16.13
C GLY H 93 2.36 -10.86 15.13
N GLN H 94 2.59 -11.27 13.88
CA GLN H 94 2.83 -10.33 12.80
C GLN H 94 1.54 -10.23 11.98
N PRO H 95 1.03 -9.02 11.67
CA PRO H 95 -0.29 -8.90 11.05
C PRO H 95 -0.28 -9.32 9.57
N ILE H 96 -1.38 -9.93 9.14
CA ILE H 96 -1.62 -10.34 7.76
C ILE H 96 -2.15 -9.14 6.97
N PHE H 97 -1.71 -9.01 5.72
CA PHE H 97 -1.99 -7.82 4.94
C PHE H 97 -2.89 -8.17 3.75
N ALA H 98 -3.97 -7.39 3.61
CA ALA H 98 -4.91 -7.48 2.51
C ALA H 98 -4.84 -6.19 1.70
N ASN H 99 -4.11 -6.26 0.59
CA ASN H 99 -4.00 -5.15 -0.33
C ASN H 99 -5.15 -5.21 -1.33
N ILE H 100 -6.02 -4.18 -1.26
CA ILE H 100 -7.27 -4.14 -2.00
C ILE H 100 -7.10 -3.16 -3.16
N THR H 101 -7.48 -3.61 -4.36
CA THR H 101 -7.10 -2.96 -5.60
C THR H 101 -8.23 -3.08 -6.60
N LEU H 102 -8.21 -2.11 -7.51
CA LEU H 102 -8.97 -2.18 -8.74
C LEU H 102 -8.41 -3.32 -9.61
N PRO H 103 -9.26 -4.19 -10.18
CA PRO H 103 -8.83 -5.04 -11.27
C PRO H 103 -8.79 -4.22 -12.56
N VAL H 104 -8.10 -4.80 -13.57
CA VAL H 104 -8.21 -4.28 -14.90
C VAL H 104 -9.53 -4.80 -15.42
N TYR H 105 -10.61 -4.02 -15.31
CA TYR H 105 -11.89 -4.45 -15.84
C TYR H 105 -11.79 -4.46 -17.36
N THR H 106 -12.58 -5.32 -18.00
CA THR H 106 -12.81 -5.24 -19.43
C THR H 106 -13.47 -3.91 -19.75
N LEU H 107 -13.19 -3.40 -20.95
CA LEU H 107 -13.70 -2.11 -21.33
C LEU H 107 -15.23 -2.17 -21.34
N LYS H 108 -15.77 -3.34 -21.69
CA LYS H 108 -17.22 -3.54 -21.75
C LYS H 108 -17.82 -3.32 -20.35
N GLU H 109 -17.23 -4.00 -19.35
CA GLU H 109 -17.72 -3.91 -17.97
C GLU H 109 -17.53 -2.49 -17.44
N ARG H 110 -16.39 -1.88 -17.75
CA ARG H 110 -16.07 -0.55 -17.28
C ARG H 110 -17.12 0.43 -17.80
N CYS H 111 -17.46 0.29 -19.08
CA CYS H 111 -18.45 1.13 -19.72
C CYS H 111 -19.78 0.96 -19.01
N LEU H 112 -20.13 -0.29 -18.72
CA LEU H 112 -21.38 -0.64 -18.04
C LEU H 112 -21.45 0.09 -16.69
N GLN H 113 -20.35 0.01 -15.90
CA GLN H 113 -20.23 0.66 -14.60
C GLN H 113 -20.59 2.14 -14.71
N VAL H 114 -19.99 2.82 -15.70
CA VAL H 114 -20.11 4.26 -15.86
C VAL H 114 -21.54 4.64 -16.21
N VAL H 115 -22.20 3.88 -17.09
CA VAL H 115 -23.53 4.23 -17.58
C VAL H 115 -24.55 3.97 -16.47
N ARG H 116 -24.34 2.87 -15.71
CA ARG H 116 -25.11 2.58 -14.51
C ARG H 116 -25.06 3.76 -13.54
N SER H 117 -23.93 4.46 -13.51
CA SER H 117 -23.69 5.55 -12.58
C SER H 117 -24.37 6.84 -13.03
N LEU H 118 -24.80 6.92 -14.30
CA LEU H 118 -25.45 8.12 -14.82
C LEU H 118 -26.95 7.89 -15.02
N VAL H 119 -27.41 6.64 -14.94
CA VAL H 119 -28.74 6.29 -15.42
C VAL H 119 -29.47 5.42 -14.41
N LYS H 120 -30.71 5.83 -14.13
CA LYS H 120 -31.61 5.13 -13.23
C LYS H 120 -32.11 3.87 -13.93
N PRO H 121 -32.16 2.69 -13.24
CA PRO H 121 -32.56 1.43 -13.88
C PRO H 121 -33.88 1.51 -14.68
N GLU H 122 -34.83 2.36 -14.23
CA GLU H 122 -36.11 2.52 -14.91
C GLU H 122 -35.94 3.22 -16.26
N ASN H 123 -34.71 3.69 -16.55
CA ASN H 123 -34.43 4.45 -17.76
C ASN H 123 -33.35 3.76 -18.61
N TYR H 124 -32.96 2.53 -18.25
CA TYR H 124 -32.03 1.78 -19.08
C TYR H 124 -32.67 1.57 -20.45
N ARG H 125 -33.99 1.29 -20.42
CA ARG H 125 -34.78 0.99 -21.60
C ARG H 125 -34.86 2.20 -22.54
N ARG H 126 -34.82 3.42 -21.99
CA ARG H 126 -34.95 4.64 -22.77
C ARG H 126 -33.65 4.99 -23.50
N LEU H 127 -32.52 4.30 -23.22
CA LEU H 127 -31.22 4.64 -23.79
C LEU H 127 -31.10 4.08 -25.20
N ASP H 128 -30.29 4.74 -26.03
CA ASP H 128 -30.29 4.49 -27.47
C ASP H 128 -29.23 3.44 -27.83
N ILE H 129 -29.53 2.15 -27.53
CA ILE H 129 -28.54 1.08 -27.55
C ILE H 129 -29.24 -0.28 -27.69
N VAL H 130 -28.48 -1.30 -28.13
CA VAL H 130 -29.01 -2.60 -28.52
C VAL H 130 -29.79 -3.22 -27.35
N ARG H 131 -30.82 -4.03 -27.65
CA ARG H 131 -31.68 -4.62 -26.62
C ARG H 131 -30.90 -5.60 -25.75
N SER H 132 -29.72 -6.04 -26.24
CA SER H 132 -28.91 -7.00 -25.51
C SER H 132 -28.27 -6.30 -24.31
N LEU H 133 -27.88 -5.04 -24.52
CA LEU H 133 -27.15 -4.28 -23.53
C LEU H 133 -28.05 -3.90 -22.35
N TYR H 134 -29.37 -3.75 -22.57
CA TYR H 134 -30.30 -3.54 -21.45
C TYR H 134 -30.21 -4.72 -20.49
N GLU H 135 -29.97 -5.92 -21.04
CA GLU H 135 -29.87 -7.13 -20.25
C GLU H 135 -28.56 -7.12 -19.45
N ASP H 136 -27.47 -6.62 -20.07
CA ASP H 136 -26.17 -6.51 -19.43
C ASP H 136 -26.22 -5.48 -18.30
N LEU H 137 -26.74 -4.28 -18.60
CA LEU H 137 -26.91 -3.22 -17.61
C LEU H 137 -27.69 -3.72 -16.41
N GLU H 138 -28.84 -4.34 -16.67
CA GLU H 138 -29.69 -4.82 -15.60
C GLU H 138 -29.02 -5.93 -14.80
N ASP H 139 -28.00 -6.61 -15.37
CA ASP H 139 -27.24 -7.61 -14.65
C ASP H 139 -26.26 -6.92 -13.69
N HIS H 140 -26.81 -6.39 -12.60
CA HIS H 140 -26.04 -5.64 -11.62
C HIS H 140 -24.96 -6.53 -11.00
N PRO H 141 -23.75 -5.98 -10.74
CA PRO H 141 -22.79 -6.61 -9.86
C PRO H 141 -23.49 -7.20 -8.62
N ASN H 142 -23.21 -8.47 -8.35
CA ASN H 142 -23.94 -9.23 -7.35
C ASN H 142 -22.95 -10.11 -6.60
N VAL H 143 -22.89 -9.92 -5.28
CA VAL H 143 -22.07 -10.76 -4.43
C VAL H 143 -22.51 -12.22 -4.56
N GLN H 144 -23.81 -12.47 -4.31
CA GLN H 144 -24.42 -13.79 -4.37
C GLN H 144 -24.04 -14.52 -5.67
N LYS H 145 -24.20 -13.84 -6.82
CA LYS H 145 -23.96 -14.43 -8.12
C LYS H 145 -22.46 -14.76 -8.27
N ASP H 146 -21.60 -13.87 -7.77
CA ASP H 146 -20.16 -14.04 -7.88
C ASP H 146 -19.71 -15.25 -7.06
N LEU H 147 -20.44 -15.54 -5.98
CA LEU H 147 -20.17 -16.70 -5.13
C LEU H 147 -20.39 -18.01 -5.89
N GLU H 148 -21.45 -18.05 -6.72
CA GLU H 148 -21.80 -19.21 -7.52
C GLU H 148 -20.67 -19.49 -8.51
N ARG H 149 -20.30 -18.44 -9.28
CA ARG H 149 -19.29 -18.59 -10.31
C ARG H 149 -17.96 -18.97 -9.65
N LEU H 150 -17.67 -18.43 -8.45
CA LEU H 150 -16.44 -18.71 -7.74
C LEU H 150 -16.41 -20.16 -7.23
N THR H 151 -17.58 -20.70 -6.85
CA THR H 151 -17.67 -22.01 -6.23
C THR H 151 -17.53 -23.08 -7.32
N GLN H 152 -18.01 -22.77 -8.54
CA GLN H 152 -17.84 -23.65 -9.68
C GLN H 152 -16.36 -23.68 -10.10
N GLU H 153 -15.66 -22.56 -9.93
CA GLU H 153 -14.26 -22.46 -10.30
C GLU H 153 -13.41 -23.30 -9.34
N ARG H 154 -13.85 -23.43 -8.08
CA ARG H 154 -13.06 -24.09 -7.04
C ARG H 154 -13.27 -25.61 -7.06
N ILE H 155 -14.39 -26.08 -7.66
CA ILE H 155 -14.64 -27.51 -7.83
C ILE H 155 -13.83 -28.05 -9.01
N ALA H 156 -13.42 -27.19 -9.95
CA ALA H 156 -12.68 -27.62 -11.13
C ALA H 156 -11.15 -27.59 -10.91
N HIS H 157 -10.68 -27.30 -9.69
CA HIS H 157 -9.25 -27.28 -9.39
C HIS H 157 -8.87 -28.29 -8.31
N GLN H 158 -9.85 -28.77 -7.50
CA GLN H 158 -9.62 -29.51 -6.26
C GLN H 158 -8.50 -30.56 -6.46
C1 QIY I . 16.16 -20.76 -6.90
N6 QIY I . 16.89 -20.96 -11.87
C7 QIY I . 15.55 -20.98 -11.93
C9 QIY I . 14.91 -22.10 -12.75
C10 QIY I . 13.63 -22.63 -12.12
C12 QIY I . 12.87 -23.54 -13.04
C15 QIY I . 11.24 -24.79 -13.77
C16 QIY I . 9.93 -25.50 -13.81
C20 QIY I . 9.39 -23.09 -9.71
C21 QIY I . 8.13 -22.79 -8.95
C22 QIY I . 10.67 -23.14 -9.25
C24 QIY I . 11.61 -23.53 -10.27
C27 QIY I . 12.65 -25.60 -8.47
C31 QIY I . 14.94 -24.86 -7.07
C32 QIY I . 14.57 -24.17 -8.21
C33 QIY I . 19.83 -20.53 -8.75
C34 QIY I . 20.25 -21.77 -8.02
O2 QIY I . 16.78 -21.51 -5.86
O3 QIY I . 18.84 -20.84 -9.72
C4 QIY I . 19.04 -20.21 -10.97
C5 QIY I . 17.70 -19.81 -11.50
O8 QIY I . 14.86 -20.13 -11.35
N11 QIY I . 13.95 -23.32 -10.88
N13 QIY I . 13.22 -23.99 -14.21
N14 QIY I . 12.17 -24.78 -14.68
N17 QIY I . 11.62 -24.01 -12.68
C18 QIY I . 10.99 -23.69 -11.49
S19 QIY I . 9.30 -23.43 -11.41
C23 QIY I . 11.02 -22.86 -7.81
C25 QIY I . 13.03 -23.76 -10.10
C26 QIY I . 13.43 -24.54 -8.92
C28 QIY I . 13.02 -26.29 -7.33
C29 QIY I . 14.15 -25.92 -6.65
CL30 QIY I . 14.61 -26.79 -5.23
O35 QIY I . 19.11 -22.57 -7.70
C36 QIY I . 18.83 -22.66 -6.31
C37 QIY I . 18.19 -21.38 -5.83
CL38 QIY I . 13.73 -10.88 -7.75
C39 QIY I . 13.95 -12.53 -7.21
C40 QIY I . 12.86 -13.21 -6.74
C41 QIY I . 13.01 -14.51 -6.30
C42 QIY I . 15.19 -13.14 -7.26
C43 QIY I . 15.32 -14.46 -6.81
C44 QIY I . 14.22 -15.16 -6.33
C45 QIY I . 14.32 -16.59 -5.84
C46 QIY I . 13.29 -17.46 -6.59
N47 QIY I . 14.05 -16.70 -4.41
C48 QIY I . 14.89 -17.24 -3.52
O49 QIY I . 16.11 -17.36 -3.72
C50 QIY I . 14.24 -17.78 -2.25
C51 QIY I . 13.94 -16.65 -1.24
C52 QIY I . 14.11 -17.31 0.12
O53 QIY I . 12.95 -18.10 0.45
C54 QIY I . 15.33 -18.19 -0.10
N55 QIY I . 15.11 -18.67 -1.48
C56 QIY I . 15.51 -19.83 -2.04
O57 QIY I . 15.11 -20.13 -3.14
C58 QIY I . 16.40 -20.76 -1.24
C59 QIY I . 17.82 -20.86 -1.82
C60 QIY I . 18.77 -21.24 -0.68
C61 QIY I . 18.28 -19.56 -2.47
C62 QIY I . 14.53 -23.91 -1.52
C63 QIY I . 13.92 -25.13 -2.11
C64 QIY I . 15.33 -22.95 -2.17
C65 QIY I . 15.66 -22.05 -1.22
O66 QIY I . 15.08 -22.42 -0.06
N67 QIY I . 14.37 -23.63 -0.26
C68 QIY I . 14.67 -20.94 -6.81
N69 QIY I . 13.93 -19.72 -7.15
C70 QIY I . 13.32 -18.93 -6.26
O71 QIY I . 12.80 -19.36 -5.23
C1 QIY J . -17.17 -9.48 18.39
N6 QIY J . -16.87 -4.52 22.21
C7 QIY J . -15.66 -5.06 22.21
C9 QIY J . -14.98 -5.19 23.55
C10 QIY J . -13.70 -6.01 23.44
C12 QIY J . -12.91 -5.97 24.71
C15 QIY J . -11.30 -6.31 26.16
C16 QIY J . -10.04 -6.81 26.78
C20 QIY J . -9.60 -8.34 22.15
C21 QIY J . -8.36 -8.87 21.50
C22 QIY J . -10.90 -8.59 21.82
C24 QIY J . -11.80 -8.08 22.81
C27 QIY J . -12.89 -10.79 23.05
C31 QIY J . -15.39 -11.27 21.94
C32 QIY J . -14.94 -9.96 22.10
C33 QIY J . -19.83 -6.72 20.01
C34 QIY J . -20.81 -7.75 20.51
O2 QIY J . -17.93 -10.42 19.12
O3 QIY J . -19.06 -6.23 21.10
C4 QIY J . -19.08 -4.82 21.21
C5 QIY J . -17.68 -4.31 21.02
O8 QIY J . -15.13 -5.45 21.18
N11 QIY J . -14.07 -7.39 23.11
N13 QIY J . -13.23 -5.33 25.81
N14 QIY J . -12.20 -5.56 26.73
N17 QIY J . -11.70 -6.62 24.84
C18 QIY J . -11.13 -7.32 23.79
S19 QIY J . -9.45 -7.28 23.50
C23 QIY J . -11.29 -9.38 20.60
C25 QIY J . -13.22 -8.32 22.85
C26 QIY J . -13.69 -9.72 22.66
C28 QIY J . -13.33 -12.09 22.88
C29 QIY J . -14.57 -12.30 22.32
CL30 QIY J . -15.14 -13.94 22.13
O35 QIY J . -20.17 -8.65 21.41
C36 QIY J . -18.95 -9.23 20.93
C37 QIY J . -19.17 -9.90 19.60
CL38 QIY J . -14.71 -2.12 12.41
C39 QIY J . -14.74 -3.63 13.29
C40 QIY J . -13.64 -4.46 13.24
C41 QIY J . -13.65 -5.65 13.93
C42 QIY J . -15.85 -3.99 14.02
C43 QIY J . -15.85 -5.22 14.70
C44 QIY J . -14.74 -6.05 14.67
C45 QIY J . -14.74 -7.40 15.39
C46 QIY J . -13.75 -7.42 16.58
N47 QIY J . -14.35 -8.48 14.48
C48 QIY J . -15.20 -9.25 13.81
O49 QIY J . -16.41 -9.04 13.71
C50 QIY J . -14.57 -10.47 13.15
C51 QIY J . -14.36 -10.27 11.65
C52 QIY J . -14.44 -11.68 11.10
O53 QIY J . -13.23 -12.36 11.42
C54 QIY J . -15.60 -12.27 11.88
N55 QIY J . -15.45 -11.63 13.19
C56 QIY J . -15.93 -11.97 14.39
O57 QIY J . -15.60 -11.30 15.35
C58 QIY J . -16.84 -13.17 14.53
C59 QIY J . -18.17 -12.72 15.15
C60 QIY J . -19.05 -13.94 15.36
C61 QIY J . -18.85 -11.65 14.30
C62 QIY J . -15.08 -15.34 16.89
C63 QIY J . -14.43 -15.79 18.17
C64 QIY J . -15.74 -14.12 16.66
C65 QIY J . -16.15 -14.18 15.38
O66 QIY J . -15.74 -15.33 14.83
N67 QIY J . -15.06 -16.09 15.81
C68 QIY J . -15.72 -9.86 18.54
N69 QIY J . -14.86 -8.71 18.31
C70 QIY J . -13.88 -8.69 17.41
O71 QIY J . -13.12 -9.64 17.27
#